data_3DMW
# 
_entry.id   3DMW 
# 
_audit_conform.dict_name       mmcif_pdbx.dic 
_audit_conform.dict_version    5.350 
_audit_conform.dict_location   http://mmcif.pdb.org/dictionaries/ascii/mmcif_pdbx.dic 
# 
loop_
_database_2.database_id 
_database_2.database_code 
_database_2.pdbx_database_accession 
_database_2.pdbx_DOI 
PDB   3DMW         pdb_00003dmw 10.2210/pdb3dmw/pdb 
RCSB  RCSB048236   ?            ?                   
WWPDB D_1000048236 ?            ?                   
# 
_pdbx_database_status.status_code                     REL 
_pdbx_database_status.entry_id                        3DMW 
_pdbx_database_status.recvd_initial_deposition_date   2008-07-01 
_pdbx_database_status.deposit_site                    RCSB 
_pdbx_database_status.process_site                    RCSB 
_pdbx_database_status.status_code_sf                  REL 
_pdbx_database_status.status_code_mr                  ? 
_pdbx_database_status.SG_entry                        ? 
_pdbx_database_status.pdb_format_compatible           Y 
_pdbx_database_status.status_code_cs                  ? 
_pdbx_database_status.status_code_nmr_data            ? 
_pdbx_database_status.methods_development_category    ? 
# 
loop_
_audit_author.name 
_audit_author.pdbx_ordinal 
'Boudko, S.P.'     1 
'Engel, J.'        2 
'Okuyama, K.'      3 
'Mizuno, K.'       4 
'Bachinger, H.P.'  5 
'Schumacher, M.A.' 6 
# 
_citation.id                        primary 
_citation.title                     
;Crystal structure of human type III collagen Gly991-Gly1032 cystine knot-containing peptide shows both 7/2 and 10/3 triple helical symmetries.
;
_citation.journal_abbrev            J.Biol.Chem. 
_citation.journal_volume            283 
_citation.page_first                32580 
_citation.page_last                 32589 
_citation.year                      2008 
_citation.journal_id_ASTM           JBCHA3 
_citation.country                   US 
_citation.journal_id_ISSN           0021-9258 
_citation.journal_id_CSD            0071 
_citation.book_publisher            ? 
_citation.pdbx_database_id_PubMed   18805790 
_citation.pdbx_database_id_DOI      10.1074/jbc.M805394200 
# 
loop_
_citation_author.citation_id 
_citation_author.name 
_citation_author.ordinal 
_citation_author.identifier_ORCID 
primary 'Boudko, S.P.'     1 ? 
primary 'Engel, J.'        2 ? 
primary 'Okuyama, K.'      3 ? 
primary 'Mizuno, K.'       4 ? 
primary 'Bachinger, H.P.'  5 ? 
primary 'Schumacher, M.A.' 6 ? 
# 
_cell.entry_id           3DMW 
_cell.length_a           31.980 
_cell.length_b           21.520 
_cell.length_c           68.970 
_cell.angle_alpha        90.00 
_cell.angle_beta         92.58 
_cell.angle_gamma        90.00 
_cell.Z_PDB              6 
_cell.pdbx_unique_axis   ? 
_cell.length_a_esd       ? 
_cell.length_b_esd       ? 
_cell.length_c_esd       ? 
_cell.angle_alpha_esd    ? 
_cell.angle_beta_esd     ? 
_cell.angle_gamma_esd    ? 
# 
_symmetry.entry_id                         3DMW 
_symmetry.space_group_name_H-M             'P 1 21 1' 
_symmetry.pdbx_full_space_group_name_H-M   ? 
_symmetry.cell_setting                     ? 
_symmetry.Int_Tables_number                4 
_symmetry.space_group_name_Hall            ? 
# 
loop_
_entity.id 
_entity.type 
_entity.src_method 
_entity.pdbx_description 
_entity.formula_weight 
_entity.pdbx_number_of_molecules 
_entity.pdbx_ec 
_entity.pdbx_mutation 
_entity.pdbx_fragment 
_entity.details 
1 polymer syn 'Collagen alpha-1(III) chain' 3973.109 3  ? Q1183M 'UNP residues 1158-1199' ? 
2 water   nat water                         18.015   61 ? ?      ?                        ? 
# 
_entity_poly.entity_id                      1 
_entity_poly.type                           'polypeptide(L)' 
_entity_poly.nstd_linkage                   no 
_entity_poly.nstd_monomer                   yes 
_entity_poly.pdbx_seq_one_letter_code       'GPIGP(HYP)GPRGNRGERGSEGS(HYP)GH(HYP)G(MSE)(HYP)GP(HYP)GP(HYP)GA(HYP)GPCCGG' 
_entity_poly.pdbx_seq_one_letter_code_can   GPIGPPGPRGNRGERGSEGSPGHPGMPGPPGPPGAPGPCCGG 
_entity_poly.pdbx_strand_id                 A,B,C 
_entity_poly.pdbx_target_identifier         ? 
# 
loop_
_entity_poly_seq.entity_id 
_entity_poly_seq.num 
_entity_poly_seq.mon_id 
_entity_poly_seq.hetero 
1 1  GLY n 
1 2  PRO n 
1 3  ILE n 
1 4  GLY n 
1 5  PRO n 
1 6  HYP n 
1 7  GLY n 
1 8  PRO n 
1 9  ARG n 
1 10 GLY n 
1 11 ASN n 
1 12 ARG n 
1 13 GLY n 
1 14 GLU n 
1 15 ARG n 
1 16 GLY n 
1 17 SER n 
1 18 GLU n 
1 19 GLY n 
1 20 SER n 
1 21 HYP n 
1 22 GLY n 
1 23 HIS n 
1 24 HYP n 
1 25 GLY n 
1 26 MSE n 
1 27 HYP n 
1 28 GLY n 
1 29 PRO n 
1 30 HYP n 
1 31 GLY n 
1 32 PRO n 
1 33 HYP n 
1 34 GLY n 
1 35 ALA n 
1 36 HYP n 
1 37 GLY n 
1 38 PRO n 
1 39 CYS n 
1 40 CYS n 
1 41 GLY n 
1 42 GLY n 
# 
_pdbx_entity_src_syn.entity_id              1 
_pdbx_entity_src_syn.pdbx_src_id            1 
_pdbx_entity_src_syn.pdbx_alt_source_flag   sample 
_pdbx_entity_src_syn.pdbx_beg_seq_num       ? 
_pdbx_entity_src_syn.pdbx_end_seq_num       ? 
_pdbx_entity_src_syn.organism_scientific    ? 
_pdbx_entity_src_syn.organism_common_name   ? 
_pdbx_entity_src_syn.ncbi_taxonomy_id       ? 
_pdbx_entity_src_syn.details                
;Chemically synthesized peptide G982-G1023 based on the fragment 1158-1199 of the human Collagen alpha-1(III) chain, CO3A1_HUMAN, UniProt entry P02461.
;
# 
_struct_ref.id                         1 
_struct_ref.db_name                    UNP 
_struct_ref.db_code                    CO3A1_HUMAN 
_struct_ref.pdbx_db_accession          P02461 
_struct_ref.entity_id                  1 
_struct_ref.pdbx_seq_one_letter_code   GPIGPPGPRGNRGERGSEGSPGHPGQPGPPGPPGAPGPCCGG 
_struct_ref.pdbx_align_begin           1158 
_struct_ref.pdbx_db_isoform            ? 
# 
loop_
_struct_ref_seq.align_id 
_struct_ref_seq.ref_id 
_struct_ref_seq.pdbx_PDB_id_code 
_struct_ref_seq.pdbx_strand_id 
_struct_ref_seq.seq_align_beg 
_struct_ref_seq.pdbx_seq_align_beg_ins_code 
_struct_ref_seq.seq_align_end 
_struct_ref_seq.pdbx_seq_align_end_ins_code 
_struct_ref_seq.pdbx_db_accession 
_struct_ref_seq.db_align_beg 
_struct_ref_seq.pdbx_db_align_beg_ins_code 
_struct_ref_seq.db_align_end 
_struct_ref_seq.pdbx_db_align_end_ins_code 
_struct_ref_seq.pdbx_auth_seq_align_beg 
_struct_ref_seq.pdbx_auth_seq_align_end 
1 1 3DMW A 1 ? 42 ? P02461 1158 ? 1199 ? 1 42 
2 1 3DMW B 1 ? 42 ? P02461 1158 ? 1199 ? 1 42 
3 1 3DMW C 1 ? 42 ? P02461 1158 ? 1199 ? 1 42 
# 
loop_
_struct_ref_seq_dif.align_id 
_struct_ref_seq_dif.pdbx_pdb_id_code 
_struct_ref_seq_dif.mon_id 
_struct_ref_seq_dif.pdbx_pdb_strand_id 
_struct_ref_seq_dif.seq_num 
_struct_ref_seq_dif.pdbx_pdb_ins_code 
_struct_ref_seq_dif.pdbx_seq_db_name 
_struct_ref_seq_dif.pdbx_seq_db_accession_code 
_struct_ref_seq_dif.db_mon_id 
_struct_ref_seq_dif.pdbx_seq_db_seq_num 
_struct_ref_seq_dif.details 
_struct_ref_seq_dif.pdbx_auth_seq_num 
_struct_ref_seq_dif.pdbx_ordinal 
1 3DMW MSE A 26 ? UNP P02461 GLN 1183 'engineered mutation' 26 1 
2 3DMW MSE B 26 ? UNP P02461 GLN 1183 'engineered mutation' 26 2 
3 3DMW MSE C 26 ? UNP P02461 GLN 1183 'engineered mutation' 26 3 
# 
loop_
_chem_comp.id 
_chem_comp.type 
_chem_comp.mon_nstd_flag 
_chem_comp.name 
_chem_comp.pdbx_synonyms 
_chem_comp.formula 
_chem_comp.formula_weight 
ALA 'L-peptide linking' y ALANINE          ?              'C3 H7 N O2'     89.093  
ARG 'L-peptide linking' y ARGININE         ?              'C6 H15 N4 O2 1' 175.209 
ASN 'L-peptide linking' y ASPARAGINE       ?              'C4 H8 N2 O3'    132.118 
CYS 'L-peptide linking' y CYSTEINE         ?              'C3 H7 N O2 S'   121.158 
GLN 'L-peptide linking' y GLUTAMINE        ?              'C5 H10 N2 O3'   146.144 
GLU 'L-peptide linking' y 'GLUTAMIC ACID'  ?              'C5 H9 N O4'     147.129 
GLY 'peptide linking'   y GLYCINE          ?              'C2 H5 N O2'     75.067  
HIS 'L-peptide linking' y HISTIDINE        ?              'C6 H10 N3 O2 1' 156.162 
HOH non-polymer         . WATER            ?              'H2 O'           18.015  
HYP 'L-peptide linking' n 4-HYDROXYPROLINE HYDROXYPROLINE 'C5 H9 N O3'     131.130 
ILE 'L-peptide linking' y ISOLEUCINE       ?              'C6 H13 N O2'    131.173 
MSE 'L-peptide linking' n SELENOMETHIONINE ?              'C5 H11 N O2 Se' 196.106 
PRO 'L-peptide linking' y PROLINE          ?              'C5 H9 N O2'     115.130 
SER 'L-peptide linking' y SERINE           ?              'C3 H7 N O3'     105.093 
# 
_exptl.entry_id          3DMW 
_exptl.method            'X-RAY DIFFRACTION' 
_exptl.crystals_number   1 
# 
_exptl_crystal.id                    1 
_exptl_crystal.density_meas          ? 
_exptl_crystal.density_Matthews      1.99 
_exptl_crystal.density_percent_sol   38.16 
_exptl_crystal.description           ? 
_exptl_crystal.F_000                 ? 
_exptl_crystal.preparation           ? 
# 
_exptl_crystal_grow.crystal_id      1 
_exptl_crystal_grow.method          'VAPOR DIFFUSION, HANGING DROP' 
_exptl_crystal_grow.temp            298 
_exptl_crystal_grow.temp_details    ? 
_exptl_crystal_grow.pH              7.0 
_exptl_crystal_grow.pdbx_details    '30% PEG 550, pH 7.0, VAPOR DIFFUSION, HANGING DROP, temperature 298K' 
_exptl_crystal_grow.pdbx_pH_range   . 
# 
_diffrn.id                     1 
_diffrn.ambient_temp           100 
_diffrn.ambient_temp_details   ? 
_diffrn.crystal_id             1 
# 
_diffrn_detector.diffrn_id              1 
_diffrn_detector.detector               CCD 
_diffrn_detector.type                   'ADSC QUANTUM 210' 
_diffrn_detector.pdbx_collection_date   2007-12-12 
_diffrn_detector.details                Mirrors 
# 
_diffrn_radiation.diffrn_id                        1 
_diffrn_radiation.wavelength_id                    1 
_diffrn_radiation.pdbx_monochromatic_or_laue_m_l   M 
_diffrn_radiation.monochromator                    ? 
_diffrn_radiation.pdbx_diffrn_protocol             MAD 
_diffrn_radiation.pdbx_scattering_type             x-ray 
# 
loop_
_diffrn_radiation_wavelength.id 
_diffrn_radiation_wavelength.wavelength 
_diffrn_radiation_wavelength.wt 
1 1.0000  1.0 
2 0.979   1.0 
3 1.02    1.0 
4 0.97963 1.0 
# 
_diffrn_source.diffrn_id                   1 
_diffrn_source.source                      SYNCHROTRON 
_diffrn_source.type                        'ALS BEAMLINE 8.2.1' 
_diffrn_source.pdbx_synchrotron_site       ALS 
_diffrn_source.pdbx_synchrotron_beamline   8.2.1 
_diffrn_source.pdbx_wavelength             ? 
_diffrn_source.pdbx_wavelength_list        '1.0000, 0.979, 1.02, 0.97963' 
# 
_reflns.entry_id                     3DMW 
_reflns.observed_criterion_sigma_I   0.0 
_reflns.observed_criterion_sigma_F   0.0 
_reflns.d_resolution_low             34.45 
_reflns.d_resolution_high            2.30 
_reflns.number_obs                   3964 
_reflns.number_all                   3964 
_reflns.percent_possible_obs         90.0 
_reflns.pdbx_Rmerge_I_obs            0.075 
_reflns.pdbx_Rsym_value              0.075 
_reflns.pdbx_netI_over_sigmaI        7.3 
_reflns.B_iso_Wilson_estimate        28.4 
_reflns.pdbx_redundancy              5 
_reflns.R_free_details               ? 
_reflns.limit_h_max                  ? 
_reflns.limit_h_min                  ? 
_reflns.limit_k_max                  ? 
_reflns.limit_k_min                  ? 
_reflns.limit_l_max                  ? 
_reflns.limit_l_min                  ? 
_reflns.observed_criterion_F_max     ? 
_reflns.observed_criterion_F_min     ? 
_reflns.pdbx_chi_squared             ? 
_reflns.pdbx_scaling_rejects         ? 
_reflns.pdbx_diffrn_id               1 
_reflns.pdbx_ordinal                 1 
# 
_reflns_shell.d_res_high             2.30 
_reflns_shell.d_res_low              2.44 
_reflns_shell.percent_possible_all   89.0 
_reflns_shell.Rmerge_I_obs           0.24 
_reflns_shell.pdbx_Rsym_value        0.24 
_reflns_shell.meanI_over_sigI_obs    2.3 
_reflns_shell.pdbx_redundancy        5.0 
_reflns_shell.percent_possible_obs   ? 
_reflns_shell.number_unique_all      583 
_reflns_shell.number_measured_all    ? 
_reflns_shell.number_measured_obs    ? 
_reflns_shell.number_unique_obs      ? 
_reflns_shell.pdbx_chi_squared       ? 
_reflns_shell.pdbx_diffrn_id         ? 
_reflns_shell.pdbx_ordinal           1 
# 
_refine.entry_id                                 3DMW 
_refine.ls_number_reflns_obs                     3949 
_refine.ls_number_reflns_all                     3950 
_refine.pdbx_ls_sigma_I                          ? 
_refine.pdbx_ls_sigma_F                          ? 
_refine.pdbx_data_cutoff_high_absF               843794.43 
_refine.pdbx_data_cutoff_low_absF                0.000000 
_refine.pdbx_data_cutoff_high_rms_absF           ? 
_refine.ls_d_res_low                             34.45 
_refine.ls_d_res_high                            2.30 
_refine.ls_percent_reflns_obs                    89.6 
_refine.ls_R_factor_obs                          0.248 
_refine.ls_R_factor_all                          0.254 
_refine.ls_R_factor_R_work                       0.248 
_refine.ls_R_factor_R_free                       0.274 
_refine.ls_R_factor_R_free_error                 0.015 
_refine.ls_R_factor_R_free_error_details         ? 
_refine.ls_percent_reflns_R_free                 10.8 
_refine.ls_number_reflns_R_free                  425 
_refine.ls_number_parameters                     ? 
_refine.ls_number_restraints                     ? 
_refine.occupancy_min                            ? 
_refine.occupancy_max                            ? 
_refine.correlation_coeff_Fo_to_Fc               ? 
_refine.correlation_coeff_Fo_to_Fc_free          ? 
_refine.B_iso_mean                               25.5 
_refine.aniso_B[1][1]                            -9.64 
_refine.aniso_B[2][2]                            -7.59 
_refine.aniso_B[3][3]                            17.24 
_refine.aniso_B[1][2]                            0.00 
_refine.aniso_B[1][3]                            15.88 
_refine.aniso_B[2][3]                            0.00 
_refine.solvent_model_details                    'FLAT MODEL' 
_refine.solvent_model_param_ksol                 0.354611 
_refine.solvent_model_param_bsol                 24.5119 
_refine.pdbx_solvent_vdw_probe_radii             ? 
_refine.pdbx_solvent_ion_probe_radii             ? 
_refine.pdbx_solvent_shrinkage_radii             ? 
_refine.pdbx_ls_cross_valid_method               THROUGHOUT 
_refine.details                                  ? 
_refine.pdbx_starting_model                      ? 
_refine.pdbx_method_to_determine_struct          MAD 
_refine.pdbx_isotropic_thermal_model             RESTRAINED 
_refine.pdbx_stereochemistry_target_values       'Engh & Huber' 
_refine.pdbx_stereochem_target_val_spec_case     ? 
_refine.pdbx_R_Free_selection_details            RANDOM 
_refine.pdbx_overall_ESU_R                       ? 
_refine.pdbx_overall_ESU_R_Free                  ? 
_refine.overall_SU_ML                            ? 
_refine.overall_SU_B                             ? 
_refine.ls_redundancy_reflns_obs                 ? 
_refine.B_iso_min                                ? 
_refine.B_iso_max                                ? 
_refine.overall_SU_R_Cruickshank_DPI             ? 
_refine.overall_SU_R_free                        ? 
_refine.ls_wR_factor_R_free                      ? 
_refine.ls_wR_factor_R_work                      ? 
_refine.overall_FOM_free_R_set                   ? 
_refine.overall_FOM_work_R_set                   ? 
_refine.pdbx_overall_phase_error                 ? 
_refine.pdbx_refine_id                           'X-RAY DIFFRACTION' 
_refine.pdbx_diffrn_id                           1 
_refine.pdbx_TLS_residual_ADP_flag               ? 
_refine.pdbx_overall_SU_R_free_Cruickshank_DPI   ? 
_refine.pdbx_overall_SU_R_Blow_DPI               ? 
_refine.pdbx_overall_SU_R_free_Blow_DPI          ? 
# 
_refine_analyze.entry_id                        3DMW 
_refine_analyze.Luzzati_coordinate_error_obs    0.38 
_refine_analyze.Luzzati_sigma_a_obs             0.33 
_refine_analyze.Luzzati_d_res_low_obs           5.00 
_refine_analyze.Luzzati_coordinate_error_free   0.43 
_refine_analyze.Luzzati_sigma_a_free            0.42 
_refine_analyze.Luzzati_d_res_low_free          ? 
_refine_analyze.number_disordered_residues      ? 
_refine_analyze.occupancy_sum_hydrogen          ? 
_refine_analyze.occupancy_sum_non_hydrogen      ? 
_refine_analyze.pdbx_Luzzati_d_res_high_obs     ? 
_refine_analyze.pdbx_refine_id                  'X-RAY DIFFRACTION' 
# 
_refine_hist.pdbx_refine_id                   'X-RAY DIFFRACTION' 
_refine_hist.cycle_id                         LAST 
_refine_hist.pdbx_number_atoms_protein        740 
_refine_hist.pdbx_number_atoms_nucleic_acid   0 
_refine_hist.pdbx_number_atoms_ligand         0 
_refine_hist.number_atoms_solvent             61 
_refine_hist.number_atoms_total               801 
_refine_hist.d_res_high                       2.30 
_refine_hist.d_res_low                        34.45 
# 
loop_
_refine_ls_restr.type 
_refine_ls_restr.dev_ideal 
_refine_ls_restr.dev_ideal_target 
_refine_ls_restr.weight 
_refine_ls_restr.number 
_refine_ls_restr.pdbx_refine_id 
_refine_ls_restr.pdbx_restraint_function 
c_bond_d           0.007 ? ? ? 'X-RAY DIFFRACTION' ? 
c_angle_deg        1.9   ? ? ? 'X-RAY DIFFRACTION' ? 
c_dihedral_angle_d 18.9  ? ? ? 'X-RAY DIFFRACTION' ? 
c_improper_angle_d 1.44  ? ? ? 'X-RAY DIFFRACTION' ? 
# 
_refine_ls_shell.pdbx_total_number_of_bins_used   6 
_refine_ls_shell.d_res_high                       2.30 
_refine_ls_shell.d_res_low                        2.44 
_refine_ls_shell.number_reflns_R_work             623 
_refine_ls_shell.R_factor_R_work                  0.347 
_refine_ls_shell.percent_reflns_obs               93.0 
_refine_ls_shell.R_factor_R_free                  0.347 
_refine_ls_shell.R_factor_R_free_error            0.048 
_refine_ls_shell.percent_reflns_R_free            7.7 
_refine_ls_shell.number_reflns_R_free             52 
_refine_ls_shell.number_reflns_all                ? 
_refine_ls_shell.R_factor_all                     ? 
_refine_ls_shell.number_reflns_obs                534 
_refine_ls_shell.redundancy_reflns_obs            ? 
_refine_ls_shell.pdbx_refine_id                   'X-RAY DIFFRACTION' 
# 
loop_
_pdbx_xplor_file.serial_no 
_pdbx_xplor_file.param_file 
_pdbx_xplor_file.topol_file 
_pdbx_xplor_file.pdbx_refine_id 
1 protein_rep9.param protein4.top 'X-RAY DIFFRACTION' 
2 water_rep.param    water.top    'X-RAY DIFFRACTION' 
3 ion.param          ion.top      'X-RAY DIFFRACTION' 
# 
_struct.entry_id                  3DMW 
_struct.title                     'Crystal structure of human type III collagen G982-G1023 containing C-terminal cystine knot' 
_struct.pdbx_model_details        ? 
_struct.pdbx_CASP_flag            N 
_struct.pdbx_model_type_details   ? 
# 
_struct_keywords.entry_id        3DMW 
_struct_keywords.pdbx_keywords   'STRUCTURAL PROTEIN' 
_struct_keywords.text            
;collagen III, cystine knot, triple helix, glycine, MAD phasing, Alternative splicing, Disease mutation, Ehlers-Danlos syndrome, Extracellular matrix, Glycoprotein, Hydroxylation, Phosphoprotein, Polymorphism, Secreted, Structural protein
;
# 
loop_
_struct_asym.id 
_struct_asym.pdbx_blank_PDB_chainid_flag 
_struct_asym.pdbx_modified 
_struct_asym.entity_id 
_struct_asym.details 
A N N 1 ? 
B N N 1 ? 
C N N 1 ? 
D N N 2 ? 
E N N 2 ? 
F N N 2 ? 
# 
_struct_biol.id        1 
_struct_biol.details   'The peptide assembles into a triple helix (3 chains of the 42-mer)' 
# 
loop_
_struct_conn.id 
_struct_conn.conn_type_id 
_struct_conn.pdbx_leaving_atom_flag 
_struct_conn.pdbx_PDB_id 
_struct_conn.ptnr1_label_asym_id 
_struct_conn.ptnr1_label_comp_id 
_struct_conn.ptnr1_label_seq_id 
_struct_conn.ptnr1_label_atom_id 
_struct_conn.pdbx_ptnr1_label_alt_id 
_struct_conn.pdbx_ptnr1_PDB_ins_code 
_struct_conn.pdbx_ptnr1_standard_comp_id 
_struct_conn.ptnr1_symmetry 
_struct_conn.ptnr2_label_asym_id 
_struct_conn.ptnr2_label_comp_id 
_struct_conn.ptnr2_label_seq_id 
_struct_conn.ptnr2_label_atom_id 
_struct_conn.pdbx_ptnr2_label_alt_id 
_struct_conn.pdbx_ptnr2_PDB_ins_code 
_struct_conn.ptnr1_auth_asym_id 
_struct_conn.ptnr1_auth_comp_id 
_struct_conn.ptnr1_auth_seq_id 
_struct_conn.ptnr2_auth_asym_id 
_struct_conn.ptnr2_auth_comp_id 
_struct_conn.ptnr2_auth_seq_id 
_struct_conn.ptnr2_symmetry 
_struct_conn.pdbx_ptnr3_label_atom_id 
_struct_conn.pdbx_ptnr3_label_seq_id 
_struct_conn.pdbx_ptnr3_label_comp_id 
_struct_conn.pdbx_ptnr3_label_asym_id 
_struct_conn.pdbx_ptnr3_label_alt_id 
_struct_conn.pdbx_ptnr3_PDB_ins_code 
_struct_conn.details 
_struct_conn.pdbx_dist_value 
_struct_conn.pdbx_value_order 
_struct_conn.pdbx_role 
disulf1  disulf ?    ? A CYS 39 SG ? ? ? 1_555 B CYS 40 SG ? ? A CYS 39 B CYS 40 1_555 ? ? ? ? ? ? ? 2.037 ? ? 
covale1  covale both ? A PRO 5  C  ? ? ? 1_555 A HYP 6  N  ? ? A PRO 5  A HYP 6  1_555 ? ? ? ? ? ? ? 1.346 ? ? 
covale2  covale both ? A HYP 6  C  ? ? ? 1_555 A GLY 7  N  ? ? A HYP 6  A GLY 7  1_555 ? ? ? ? ? ? ? 1.329 ? ? 
covale3  covale both ? A SER 20 C  ? ? ? 1_555 A HYP 21 N  ? ? A SER 20 A HYP 21 1_555 ? ? ? ? ? ? ? 1.344 ? ? 
covale4  covale both ? A HYP 21 C  ? ? ? 1_555 A GLY 22 N  ? ? A HYP 21 A GLY 22 1_555 ? ? ? ? ? ? ? 1.333 ? ? 
covale5  covale both ? A HIS 23 C  ? ? ? 1_555 A HYP 24 N  ? ? A HIS 23 A HYP 24 1_555 ? ? ? ? ? ? ? 1.340 ? ? 
covale6  covale both ? A HYP 24 C  ? ? ? 1_555 A GLY 25 N  ? ? A HYP 24 A GLY 25 1_555 ? ? ? ? ? ? ? 1.330 ? ? 
covale7  covale both ? A GLY 25 C  ? ? ? 1_555 A MSE 26 N  ? ? A GLY 25 A MSE 26 1_555 ? ? ? ? ? ? ? 1.330 ? ? 
covale8  covale both ? A MSE 26 C  ? ? ? 1_555 A HYP 27 N  ? ? A MSE 26 A HYP 27 1_555 ? ? ? ? ? ? ? 1.347 ? ? 
covale9  covale both ? A HYP 27 C  ? ? ? 1_555 A GLY 28 N  ? ? A HYP 27 A GLY 28 1_555 ? ? ? ? ? ? ? 1.330 ? ? 
covale10 covale both ? A PRO 29 C  ? ? ? 1_555 A HYP 30 N  ? ? A PRO 29 A HYP 30 1_555 ? ? ? ? ? ? ? 1.344 ? ? 
covale11 covale both ? A HYP 30 C  ? ? ? 1_555 A GLY 31 N  ? ? A HYP 30 A GLY 31 1_555 ? ? ? ? ? ? ? 1.329 ? ? 
covale12 covale both ? A PRO 32 C  ? ? ? 1_555 A HYP 33 N  ? ? A PRO 32 A HYP 33 1_555 ? ? ? ? ? ? ? 1.346 ? ? 
covale13 covale both ? A HYP 33 C  ? ? ? 1_555 A GLY 34 N  ? ? A HYP 33 A GLY 34 1_555 ? ? ? ? ? ? ? 1.329 ? ? 
covale14 covale both ? A ALA 35 C  ? ? ? 1_555 A HYP 36 N  ? ? A ALA 35 A HYP 36 1_555 ? ? ? ? ? ? ? 1.345 ? ? 
covale15 covale both ? A HYP 36 C  ? ? ? 1_555 A GLY 37 N  ? ? A HYP 36 A GLY 37 1_555 ? ? ? ? ? ? ? 1.329 ? ? 
covale16 covale both ? B PRO 5  C  ? ? ? 1_555 B HYP 6  N  ? ? B PRO 5  B HYP 6  1_555 ? ? ? ? ? ? ? 1.346 ? ? 
covale17 covale both ? B HYP 6  C  ? ? ? 1_555 B GLY 7  N  ? ? B HYP 6  B GLY 7  1_555 ? ? ? ? ? ? ? 1.330 ? ? 
covale18 covale both ? B SER 20 C  ? ? ? 1_555 B HYP 21 N  ? ? B SER 20 B HYP 21 1_555 ? ? ? ? ? ? ? 1.352 ? ? 
covale19 covale both ? B HYP 21 C  ? ? ? 1_555 B GLY 22 N  ? ? B HYP 21 B GLY 22 1_555 ? ? ? ? ? ? ? 1.329 ? ? 
covale20 covale both ? B HIS 23 C  ? ? ? 1_555 B HYP 24 N  ? ? B HIS 23 B HYP 24 1_555 ? ? ? ? ? ? ? 1.344 ? ? 
covale21 covale both ? B HYP 24 C  ? ? ? 1_555 B GLY 25 N  ? ? B HYP 24 B GLY 25 1_555 ? ? ? ? ? ? ? 1.330 ? ? 
covale22 covale both ? B GLY 25 C  ? ? ? 1_555 B MSE 26 N  ? ? B GLY 25 B MSE 26 1_555 ? ? ? ? ? ? ? 1.332 ? ? 
covale23 covale both ? B MSE 26 C  ? ? ? 1_555 B HYP 27 N  ? ? B MSE 26 B HYP 27 1_555 ? ? ? ? ? ? ? 1.344 ? ? 
covale24 covale both ? B HYP 27 C  ? ? ? 1_555 B GLY 28 N  ? ? B HYP 27 B GLY 28 1_555 ? ? ? ? ? ? ? 1.331 ? ? 
covale25 covale both ? B PRO 29 C  ? ? ? 1_555 B HYP 30 N  ? ? B PRO 29 B HYP 30 1_555 ? ? ? ? ? ? ? 1.341 ? ? 
covale26 covale both ? B HYP 30 C  ? ? ? 1_555 B GLY 31 N  ? ? B HYP 30 B GLY 31 1_555 ? ? ? ? ? ? ? 1.330 ? ? 
covale27 covale both ? B PRO 32 C  ? ? ? 1_555 B HYP 33 N  ? ? B PRO 32 B HYP 33 1_555 ? ? ? ? ? ? ? 1.344 ? ? 
covale28 covale both ? B HYP 33 C  ? ? ? 1_555 B GLY 34 N  ? ? B HYP 33 B GLY 34 1_555 ? ? ? ? ? ? ? 1.328 ? ? 
covale29 covale both ? B ALA 35 C  ? ? ? 1_555 B HYP 36 N  ? ? B ALA 35 B HYP 36 1_555 ? ? ? ? ? ? ? 1.348 ? ? 
covale30 covale both ? B HYP 36 C  ? ? ? 1_555 B GLY 37 N  ? ? B HYP 36 B GLY 37 1_555 ? ? ? ? ? ? ? 1.331 ? ? 
covale31 covale both ? C PRO 5  C  ? ? ? 1_555 C HYP 6  N  ? ? C PRO 5  C HYP 6  1_555 ? ? ? ? ? ? ? 1.347 ? ? 
covale32 covale both ? C HYP 6  C  ? ? ? 1_555 C GLY 7  N  ? ? C HYP 6  C GLY 7  1_555 ? ? ? ? ? ? ? 1.329 ? ? 
covale33 covale both ? C SER 20 C  ? ? ? 1_555 C HYP 21 N  ? ? C SER 20 C HYP 21 1_555 ? ? ? ? ? ? ? 1.344 ? ? 
covale34 covale both ? C HYP 21 C  ? ? ? 1_555 C GLY 22 N  ? ? C HYP 21 C GLY 22 1_555 ? ? ? ? ? ? ? 1.331 ? ? 
covale35 covale both ? C HIS 23 C  ? ? ? 1_555 C HYP 24 N  ? ? C HIS 23 C HYP 24 1_555 ? ? ? ? ? ? ? 1.340 ? ? 
covale36 covale both ? C HYP 24 C  ? ? ? 1_555 C GLY 25 N  ? ? C HYP 24 C GLY 25 1_555 ? ? ? ? ? ? ? 1.327 ? ? 
covale37 covale both ? C GLY 25 C  ? ? ? 1_555 C MSE 26 N  ? ? C GLY 25 C MSE 26 1_555 ? ? ? ? ? ? ? 1.326 ? ? 
covale38 covale both ? C MSE 26 C  ? ? ? 1_555 C HYP 27 N  ? ? C MSE 26 C HYP 27 1_555 ? ? ? ? ? ? ? 1.347 ? ? 
covale39 covale both ? C HYP 27 C  ? ? ? 1_555 C GLY 28 N  ? ? C HYP 27 C GLY 28 1_555 ? ? ? ? ? ? ? 1.331 ? ? 
covale40 covale both ? C PRO 29 C  ? ? ? 1_555 C HYP 30 N  ? ? C PRO 29 C HYP 30 1_555 ? ? ? ? ? ? ? 1.344 ? ? 
covale41 covale both ? C HYP 30 C  ? ? ? 1_555 C GLY 31 N  ? ? C HYP 30 C GLY 31 1_555 ? ? ? ? ? ? ? 1.331 ? ? 
covale42 covale both ? C PRO 32 C  ? ? ? 1_555 C HYP 33 N  ? ? C PRO 32 C HYP 33 1_555 ? ? ? ? ? ? ? 1.347 ? ? 
covale43 covale both ? C HYP 33 C  ? ? ? 1_555 C GLY 34 N  ? ? C HYP 33 C GLY 34 1_555 ? ? ? ? ? ? ? 1.330 ? ? 
covale44 covale both ? C ALA 35 C  ? ? ? 1_555 C HYP 36 N  ? ? C ALA 35 C HYP 36 1_555 ? ? ? ? ? ? ? 1.348 ? ? 
covale45 covale both ? C HYP 36 C  ? ? ? 1_555 C GLY 37 N  ? ? C HYP 36 C GLY 37 1_555 ? ? ? ? ? ? ? 1.330 ? ? 
# 
loop_
_struct_conn_type.id 
_struct_conn_type.criteria 
_struct_conn_type.reference 
disulf ? ? 
covale ? ? 
# 
_atom_sites.entry_id                    3DMW 
_atom_sites.fract_transf_matrix[1][1]   0.02227316 
_atom_sites.fract_transf_matrix[1][2]   -0.01656393 
_atom_sites.fract_transf_matrix[1][3]   0.01446862 
_atom_sites.fract_transf_matrix[2][1]   0.03245684 
_atom_sites.fract_transf_matrix[2][2]   0.02143994 
_atom_sites.fract_transf_matrix[2][3]   -0.02541963 
_atom_sites.fract_transf_matrix[3][1]   0.00156980 
_atom_sites.fract_transf_matrix[3][2]   0.00997933 
_atom_sites.fract_transf_matrix[3][3]   0.01042136 
_atom_sites.fract_transf_vector[1]      0.304604 
_atom_sites.fract_transf_vector[2]      0.821893 
_atom_sites.fract_transf_vector[3]      0.481200 
# 
loop_
_atom_type.symbol 
C  
N  
O  
S  
SE 
# 
loop_
_atom_site.group_PDB 
_atom_site.id 
_atom_site.type_symbol 
_atom_site.label_atom_id 
_atom_site.label_alt_id 
_atom_site.label_comp_id 
_atom_site.label_asym_id 
_atom_site.label_entity_id 
_atom_site.label_seq_id 
_atom_site.pdbx_PDB_ins_code 
_atom_site.Cartn_x 
_atom_site.Cartn_y 
_atom_site.Cartn_z 
_atom_site.occupancy 
_atom_site.B_iso_or_equiv 
_atom_site.pdbx_formal_charge 
_atom_site.auth_seq_id 
_atom_site.auth_comp_id 
_atom_site.auth_asym_id 
_atom_site.auth_atom_id 
_atom_site.pdbx_PDB_model_num 
ATOM   1   N  N   . ILE A 1 3  ? -30.726 45.491  -0.273  1.00 32.89 ? 3   ILE A N   1 
ATOM   2   C  CA  . ILE A 1 3  ? -29.259 45.315  -0.467  1.00 33.22 ? 3   ILE A CA  1 
ATOM   3   C  C   . ILE A 1 3  ? -28.584 45.034  0.756   1.00 34.13 ? 3   ILE A C   1 
ATOM   4   O  O   . ILE A 1 3  ? -29.156 45.064  1.853   1.00 34.83 ? 3   ILE A O   1 
ATOM   5   C  CB  . ILE A 1 3  ? -28.637 46.570  -1.163  1.00 33.35 ? 3   ILE A CB  1 
ATOM   6   C  CG1 . ILE A 1 3  ? -29.294 46.753  -2.536  1.00 33.53 ? 3   ILE A CG1 1 
ATOM   7   C  CG2 . ILE A 1 3  ? -27.112 46.475  -1.263  1.00 31.29 ? 3   ILE A CG2 1 
ATOM   8   C  CD1 . ILE A 1 3  ? -29.801 45.447  -3.197  1.00 30.87 ? 3   ILE A CD1 1 
ATOM   9   N  N   . GLY A 1 4  ? -27.311 44.721  0.587   1.00 34.82 ? 4   GLY A N   1 
ATOM   10  C  CA  . GLY A 1 4  ? -26.400 44.366  1.646   1.00 34.41 ? 4   GLY A CA  1 
ATOM   11  C  C   . GLY A 1 4  ? -25.435 43.647  0.736   1.00 35.06 ? 4   GLY A C   1 
ATOM   12  O  O   . GLY A 1 4  ? -25.880 42.844  -0.088  1.00 36.98 ? 4   GLY A O   1 
ATOM   13  N  N   . PRO A 1 5  ? -24.130 43.918  0.812   1.00 34.51 ? 5   PRO A N   1 
ATOM   14  C  CA  . PRO A 1 5  ? -23.250 43.188  -0.104  1.00 34.02 ? 5   PRO A CA  1 
ATOM   15  C  C   . PRO A 1 5  ? -23.324 41.770  0.097   1.00 33.50 ? 5   PRO A C   1 
ATOM   16  O  O   . PRO A 1 5  ? -23.833 41.306  1.124   1.00 33.22 ? 5   PRO A O   1 
ATOM   17  C  CB  . PRO A 1 5  ? -21.871 43.761  0.216   1.00 33.65 ? 5   PRO A CB  1 
ATOM   18  C  CG  . PRO A 1 5  ? -22.187 45.161  0.689   1.00 34.43 ? 5   PRO A CG  1 
ATOM   19  C  CD  . PRO A 1 5  ? -23.381 44.926  1.581   1.00 34.33 ? 5   PRO A CD  1 
HETATM 20  N  N   . HYP A 1 6  ? -22.843 40.980  -0.880  1.00 31.73 ? 6   HYP A N   1 
HETATM 21  C  CA  . HYP A 1 6  ? -22.955 39.552  -0.578  1.00 29.80 ? 6   HYP A CA  1 
HETATM 22  C  C   . HYP A 1 6  ? -22.117 39.235  0.519   1.00 27.98 ? 6   HYP A C   1 
HETATM 23  O  O   . HYP A 1 6  ? -21.176 39.972  0.823   1.00 28.12 ? 6   HYP A O   1 
HETATM 24  C  CB  . HYP A 1 6  ? -22.457 38.860  -1.860  1.00 28.98 ? 6   HYP A CB  1 
HETATM 25  C  CG  . HYP A 1 6  ? -22.665 39.819  -2.908  1.00 31.31 ? 6   HYP A CG  1 
HETATM 26  C  CD  . HYP A 1 6  ? -22.322 41.146  -2.263  1.00 31.01 ? 6   HYP A CD  1 
HETATM 27  O  OD1 . HYP A 1 6  ? -24.073 39.717  -3.211  1.00 29.82 ? 6   HYP A OD1 1 
ATOM   28  N  N   . GLY A 1 7  ? -22.415 38.123  1.181   1.00 26.54 ? 7   GLY A N   1 
ATOM   29  C  CA  . GLY A 1 7  ? -21.620 37.708  2.321   1.00 22.96 ? 7   GLY A CA  1 
ATOM   30  C  C   . GLY A 1 7  ? -20.287 37.122  1.909   1.00 23.36 ? 7   GLY A C   1 
ATOM   31  O  O   . GLY A 1 7  ? -19.965 37.086  0.720   1.00 24.39 ? 7   GLY A O   1 
ATOM   32  N  N   . PRO A 1 8  ? -19.485 36.651  2.879   1.00 22.69 ? 8   PRO A N   1 
ATOM   33  C  CA  . PRO A 1 8  ? -18.166 36.050  2.672   1.00 21.52 ? 8   PRO A CA  1 
ATOM   34  C  C   . PRO A 1 8  ? -18.211 34.762  2.048   1.00 21.84 ? 8   PRO A C   1 
ATOM   35  O  O   . PRO A 1 8  ? -19.210 34.050  2.132   1.00 21.48 ? 8   PRO A O   1 
ATOM   36  C  CB  . PRO A 1 8  ? -17.601 35.958  4.091   1.00 21.26 ? 8   PRO A CB  1 
ATOM   37  C  CG  . PRO A 1 8  ? -18.359 36.998  4.848   1.00 21.11 ? 8   PRO A CG  1 
ATOM   38  C  CD  . PRO A 1 8  ? -19.740 36.833  4.315   1.00 22.34 ? 8   PRO A CD  1 
ATOM   39  N  N   . ARG A 1 9  ? -17.111 34.395  1.402   1.00 22.39 ? 9   ARG A N   1 
ATOM   40  C  CA  . ARG A 1 9  ? -16.979 33.106  0.739   1.00 21.80 ? 9   ARG A CA  1 
ATOM   41  C  C   . ARG A 1 9  ? -16.996 32.110  1.765   1.00 22.34 ? 9   ARG A C   1 
ATOM   42  O  O   . ARG A 1 9  ? -16.454 32.324  2.847   1.00 22.80 ? 9   ARG A O   1 
ATOM   43  C  CB  . ARG A 1 9  ? -15.660 33.083  -0.052  1.00 24.23 ? 9   ARG A CB  1 
ATOM   44  C  CG  . ARG A 1 9  ? -15.162 31.718  -0.524  1.00 26.01 ? 9   ARG A CG  1 
ATOM   45  C  CD  . ARG A 1 9  ? -16.076 31.036  -1.541  1.00 30.44 ? 9   ARG A CD  1 
ATOM   46  N  NE  . ARG A 1 9  ? -16.148 31.702  -2.845  1.00 32.68 ? 9   ARG A NE  1 
ATOM   47  C  CZ  . ARG A 1 9  ? -15.099 32.011  -3.604  1.00 29.60 ? 9   ARG A CZ  1 
ATOM   48  N  NH1 . ARG A 1 9  ? -15.289 32.603  -4.773  1.00 26.63 ? 9   ARG A NH1 1 
ATOM   49  N  NH2 . ARG A 1 9  ? -13.866 31.747  -3.192  1.00 29.27 ? 9   ARG A NH2 1 
ATOM   50  N  N   . GLY A 1 10 ? -17.637 30.976  1.496   1.00 22.60 ? 10  GLY A N   1 
ATOM   51  C  CA  . GLY A 1 10 ? -17.707 29.907  2.481   1.00 21.60 ? 10  GLY A CA  1 
ATOM   52  C  C   . GLY A 1 10 ? -16.347 29.316  2.816   1.00 23.12 ? 10  GLY A C   1 
ATOM   53  O  O   . GLY A 1 10 ? -15.338 29.696  2.220   1.00 21.31 ? 10  GLY A O   1 
ATOM   54  N  N   . ASN A 1 11 ? -16.315 28.383  3.766   1.00 23.94 ? 11  ASN A N   1 
ATOM   55  C  CA  . ASN A 1 11 ? -15.066 27.748  4.180   1.00 25.24 ? 11  ASN A CA  1 
ATOM   56  C  C   . ASN A 1 11 ? -14.638 26.725  3.275   1.00 24.55 ? 11  ASN A C   1 
ATOM   57  O  O   . ASN A 1 11 ? -15.443 26.161  2.534   1.00 23.36 ? 11  ASN A O   1 
ATOM   58  C  CB  . ASN A 1 11 ? -15.214 27.147  5.582   1.00 29.72 ? 11  ASN A CB  1 
ATOM   59  C  CG  . ASN A 1 11 ? -15.427 28.197  6.654   1.00 34.44 ? 11  ASN A CG  1 
ATOM   60  O  OD1 . ASN A 1 11 ? -14.597 29.091  6.843   1.00 36.12 ? 11  ASN A OD1 1 
ATOM   61  N  ND2 . ASN A 1 11 ? -16.542 28.091  7.372   1.00 36.72 ? 11  ASN A ND2 1 
ATOM   62  N  N   . ARG A 1 12 ? -13.340 26.430  3.300   1.00 23.28 ? 12  ARG A N   1 
ATOM   63  C  CA  . ARG A 1 12 ? -12.746 25.398  2.452   1.00 23.33 ? 12  ARG A CA  1 
ATOM   64  C  C   . ARG A 1 12 ? -13.251 24.127  2.895   1.00 23.48 ? 12  ARG A C   1 
ATOM   65  O  O   . ARG A 1 12 ? -13.304 23.864  4.095   1.00 24.32 ? 12  ARG A O   1 
ATOM   66  C  CB  . ARG A 1 12 ? -11.216 25.442  2.586   1.00 24.08 ? 12  ARG A CB  1 
ATOM   67  C  CG  . ARG A 1 12 ? -10.438 25.196  1.298   1.00 26.38 ? 12  ARG A CG  1 
ATOM   68  C  CD  . ARG A 1 12 ? -9.800  23.809  1.254   1.00 28.76 ? 12  ARG A CD  1 
ATOM   69  N  NE  . ARG A 1 12 ? -8.351  23.824  1.469   1.00 27.89 ? 12  ARG A NE  1 
ATOM   70  C  CZ  . ARG A 1 12 ? -7.756  24.174  2.608   1.00 27.46 ? 12  ARG A CZ  1 
ATOM   71  N  NH1 . ARG A 1 12 ? -8.479  24.549  3.657   1.00 26.27 ? 12  ARG A NH1 1 
ATOM   72  N  NH2 . ARG A 1 12 ? -6.433  24.135  2.701   1.00 24.57 ? 12  ARG A NH2 1 
ATOM   73  N  N   . GLY A 1 13 ? -13.673 23.278  1.963   1.00 21.62 ? 13  GLY A N   1 
ATOM   74  C  CA  . GLY A 1 13 ? -14.191 21.975  2.348   1.00 20.53 ? 13  GLY A CA  1 
ATOM   75  C  C   . GLY A 1 13 ? -13.117 21.158  3.043   1.00 21.24 ? 13  GLY A C   1 
ATOM   76  O  O   . GLY A 1 13 ? -11.929 21.428  2.865   1.00 20.88 ? 13  GLY A O   1 
ATOM   77  N  N   . GLU A 1 14 ? -13.511 20.163  3.832   1.00 21.18 ? 14  GLU A N   1 
ATOM   78  C  CA  . GLU A 1 14 ? -12.519 19.347  4.523   1.00 22.82 ? 14  GLU A CA  1 
ATOM   79  C  C   . GLU A 1 14 ? -11.879 18.484  3.586   1.00 22.82 ? 14  GLU A C   1 
ATOM   80  O  O   . GLU A 1 14 ? -12.503 18.033  2.626   1.00 23.96 ? 14  GLU A O   1 
ATOM   81  C  CB  . GLU A 1 14 ? -13.162 18.548  5.669   1.00 24.80 ? 14  GLU A CB  1 
ATOM   82  C  CG  . GLU A 1 14 ? -14.212 17.524  5.270   1.00 28.84 ? 14  GLU A CG  1 
ATOM   83  C  CD  . GLU A 1 14 ? -14.794 16.787  6.477   1.00 31.45 ? 14  GLU A CD  1 
ATOM   84  O  OE1 . GLU A 1 14 ? -15.492 17.423  7.296   1.00 32.92 ? 14  GLU A OE1 1 
ATOM   85  O  OE2 . GLU A 1 14 ? -14.549 15.570  6.614   1.00 32.02 ? 14  GLU A OE2 1 
ATOM   86  N  N   . ARG A 1 15 ? -10.595 18.214  3.796   1.00 21.84 ? 15  ARG A N   1 
ATOM   87  C  CA  . ARG A 1 15 ? -9.856  17.356  2.878   1.00 23.45 ? 15  ARG A CA  1 
ATOM   88  C  C   . ARG A 1 15 ? -10.266 16.003  2.980   1.00 23.90 ? 15  ARG A C   1 
ATOM   89  O  O   . ARG A 1 15 ? -10.636 15.536  4.056   1.00 24.11 ? 15  ARG A O   1 
ATOM   90  C  CB  . ARG A 1 15 ? -8.350  17.451  3.127   1.00 24.25 ? 15  ARG A CB  1 
ATOM   91  C  CG  . ARG A 1 15 ? -7.846  16.598  4.279   1.00 25.19 ? 15  ARG A CG  1 
ATOM   92  C  CD  . ARG A 1 15 ? -6.337  16.612  4.322   1.00 24.43 ? 15  ARG A CD  1 
ATOM   93  N  NE  . ARG A 1 15 ? -5.749  16.187  3.051   1.00 23.08 ? 15  ARG A NE  1 
ATOM   94  C  CZ  . ARG A 1 15 ? -4.441  16.087  2.833   1.00 21.23 ? 15  ARG A CZ  1 
ATOM   95  N  NH1 . ARG A 1 15 ? -3.580  16.382  3.800   1.00 22.17 ? 15  ARG A NH1 1 
ATOM   96  N  NH2 . ARG A 1 15 ? -3.991  15.690  1.653   1.00 15.34 ? 15  ARG A NH2 1 
ATOM   97  N  N   . GLY A 1 16 ? -10.218 15.297  1.856   1.00 23.50 ? 16  GLY A N   1 
ATOM   98  C  CA  . GLY A 1 16 ? -10.625 13.907  1.838   1.00 22.29 ? 16  GLY A CA  1 
ATOM   99  C  C   . GLY A 1 16 ? -9.836  13.052  2.804   1.00 22.58 ? 16  GLY A C   1 
ATOM   100 O  O   . GLY A 1 16 ? -8.794  13.461  3.308   1.00 22.72 ? 16  GLY A O   1 
ATOM   101 N  N   . SER A 1 17 ? -10.348 11.858  3.068   1.00 22.16 ? 17  SER A N   1 
ATOM   102 C  CA  . SER A 1 17 ? -9.700  10.917  3.966   1.00 22.91 ? 17  SER A CA  1 
ATOM   103 C  C   . SER A 1 17 ? -8.552  10.358  3.324   1.00 22.26 ? 17  SER A C   1 
ATOM   104 O  O   . SER A 1 17 ? -8.547  10.150  2.112   1.00 20.45 ? 17  SER A O   1 
ATOM   105 C  CB  . SER A 1 17 ? -10.691 9.828   4.351   1.00 24.02 ? 17  SER A CB  1 
ATOM   106 O  OG  . SER A 1 17 ? -11.523 9.528   3.241   1.00 29.69 ? 17  SER A OG  1 
ATOM   107 N  N   . GLU A 1 18 ? -7.513  10.088  4.103   1.00 21.19 ? 18  GLU A N   1 
ATOM   108 C  CA  . GLU A 1 18 ? -6.277  9.544   3.560   1.00 22.37 ? 18  GLU A CA  1 
ATOM   109 C  C   . GLU A 1 18 ? -6.441  8.210   3.056   1.00 19.20 ? 18  GLU A C   1 
ATOM   110 O  O   . GLU A 1 18 ? -7.272  7.451   3.544   1.00 19.02 ? 18  GLU A O   1 
ATOM   111 C  CB  . GLU A 1 18 ? -5.183  9.598   4.630   1.00 25.99 ? 18  GLU A CB  1 
ATOM   112 C  CG  . GLU A 1 18 ? -5.185  10.902  5.447   1.00 32.03 ? 18  GLU A CG  1 
ATOM   113 C  CD  . GLU A 1 18 ? -5.243  12.165  4.586   1.00 34.43 ? 18  GLU A CD  1 
ATOM   114 O  OE1 . GLU A 1 18 ? -4.311  12.395  3.785   1.00 34.04 ? 18  GLU A OE1 1 
ATOM   115 O  OE2 . GLU A 1 18 ? -6.224  12.933  4.716   1.00 37.04 ? 18  GLU A OE2 1 
ATOM   116 N  N   . GLY A 1 19 ? -5.645  7.865   2.047   1.00 15.29 ? 19  GLY A N   1 
ATOM   117 C  CA  . GLY A 1 19 ? -5.722  6.560   1.404   1.00 12.43 ? 19  GLY A CA  1 
ATOM   118 C  C   . GLY A 1 19 ? -5.411  5.307   2.206   1.00 11.30 ? 19  GLY A C   1 
ATOM   119 O  O   . GLY A 1 19 ? -4.797  5.354   3.270   1.00 11.61 ? 19  GLY A O   1 
ATOM   120 N  N   . SER A 1 20 ? -5.821  4.168   1.663   1.00 8.26  ? 20  SER A N   1 
ATOM   121 C  CA  . SER A 1 20 ? -5.623  2.878   2.310   1.00 8.68  ? 20  SER A CA  1 
ATOM   122 C  C   . SER A 1 20 ? -4.304  2.331   2.200   1.00 8.53  ? 20  SER A C   1 
ATOM   123 O  O   . SER A 1 20 ? -3.565  2.638   1.266   1.00 10.14 ? 20  SER A O   1 
ATOM   124 C  CB  . SER A 1 20 ? -6.629  1.872   1.757   1.00 8.99  ? 20  SER A CB  1 
ATOM   125 O  OG  . SER A 1 20 ? -7.951  2.251   2.093   1.00 12.90 ? 20  SER A OG  1 
HETATM 126 N  N   . HYP A 1 21 ? -3.922  1.461   3.150   1.00 5.88  ? 21  HYP A N   1 
HETATM 127 C  CA  . HYP A 1 21 ? -2.584  0.877   3.075   1.00 6.57  ? 21  HYP A CA  1 
HETATM 128 C  C   . HYP A 1 21 ? -2.498  0.021   1.930   1.00 6.49  ? 21  HYP A C   1 
HETATM 129 O  O   . HYP A 1 21 ? -3.450  -0.691  1.615   1.00 6.21  ? 21  HYP A O   1 
HETATM 130 C  CB  . HYP A 1 21 ? -2.479  0.063   4.387   1.00 5.01  ? 21  HYP A CB  1 
HETATM 131 C  CG  . HYP A 1 21 ? -3.403  0.674   5.291   1.00 6.44  ? 21  HYP A CG  1 
HETATM 132 C  CD  . HYP A 1 21 ? -4.575  1.031   4.414   1.00 8.43  ? 21  HYP A CD  1 
HETATM 133 O  OD1 . HYP A 1 21 ? -2.735  1.856   5.766   1.00 6.84  ? 21  HYP A OD1 1 
ATOM   134 N  N   . GLY A 1 22 ? -1.351  0.036   1.251   1.00 6.18  ? 22  GLY A N   1 
ATOM   135 C  CA  . GLY A 1 22 ? -1.180  -0.782  0.057   1.00 5.34  ? 22  GLY A CA  1 
ATOM   136 C  C   . GLY A 1 22 ? -1.430  -2.277  0.215   1.00 8.01  ? 22  GLY A C   1 
ATOM   137 O  O   . GLY A 1 22 ? -1.510  -2.798  1.336   1.00 10.30 ? 22  GLY A O   1 
ATOM   138 N  N   . HIS A 1 23 ? -1.554  -2.965  -0.919  1.00 4.77  ? 23  HIS A N   1 
ATOM   139 C  CA  . HIS A 1 23 ? -1.776  -4.407  -0.954  1.00 4.98  ? 23  HIS A CA  1 
ATOM   140 C  C   . HIS A 1 23 ? -0.529  -5.023  -0.573  1.00 5.33  ? 23  HIS A C   1 
ATOM   141 O  O   . HIS A 1 23 ? 0.528   -4.419  -0.712  1.00 8.60  ? 23  HIS A O   1 
ATOM   142 C  CB  . HIS A 1 23 ? -2.173  -4.813  -2.377  1.00 6.28  ? 23  HIS A CB  1 
ATOM   143 C  CG  . HIS A 1 23 ? -2.665  -6.219  -2.498  1.00 4.84  ? 23  HIS A CG  1 
ATOM   144 N  ND1 . HIS A 1 23 ? -3.899  -6.619  -2.018  1.00 4.62  ? 23  HIS A ND1 1 
ATOM   145 C  CD2 . HIS A 1 23 ? -2.091  -7.323  -3.023  1.00 4.78  ? 23  HIS A CD2 1 
ATOM   146 C  CE1 . HIS A 1 23 ? -4.056  -7.906  -2.246  1.00 4.33  ? 23  HIS A CE1 1 
ATOM   147 N  NE2 . HIS A 1 23 ? -2.976  -8.365  -2.855  1.00 8.60  ? 23  HIS A NE2 1 
HETATM 148 N  N   . HYP A 1 24 ? -0.557  -6.274  -0.094  1.00 4.17  ? 24  HYP A N   1 
HETATM 149 C  CA  . HYP A 1 24 ? 0.770   -6.788  0.270   1.00 6.09  ? 24  HYP A CA  1 
HETATM 150 C  C   . HYP A 1 24 ? 1.564   -7.136  -0.887  1.00 8.33  ? 24  HYP A C   1 
HETATM 151 O  O   . HYP A 1 24 ? 1.037   -7.397  -1.966  1.00 11.80 ? 24  HYP A O   1 
HETATM 152 C  CB  . HYP A 1 24 ? 0.461   -8.054  1.099   1.00 3.41  ? 24  HYP A CB  1 
HETATM 153 C  CG  . HYP A 1 24 ? -0.914  -7.956  1.527   1.00 1.61  ? 24  HYP A CG  1 
HETATM 154 C  CD  . HYP A 1 24 ? -1.614  -7.161  0.455   1.00 4.57  ? 24  HYP A CD  1 
HETATM 155 O  OD1 . HYP A 1 24 ? -0.897  -7.229  2.772   1.00 1.00  ? 24  HYP A OD1 1 
ATOM   156 N  N   . GLY A 1 25 ? 2.882   -7.161  -0.714  1.00 8.94  ? 25  GLY A N   1 
ATOM   157 C  CA  . GLY A 1 25 ? 3.775   -7.492  -1.816  1.00 10.62 ? 25  GLY A CA  1 
ATOM   158 C  C   . GLY A 1 25 ? 3.720   -8.945  -2.252  1.00 11.68 ? 25  GLY A C   1 
ATOM   159 O  O   . GLY A 1 25 ? 3.022   -9.747  -1.640  1.00 13.48 ? 25  GLY A O   1 
HETATM 160 N  N   . MSE A 1 26 ? 4.453   -9.295  -3.305  1.00 12.47 ? 26  MSE A N   1 
HETATM 161 C  CA  . MSE A 1 26 ? 4.450   -10.669 -3.790  1.00 14.93 ? 26  MSE A CA  1 
HETATM 162 C  C   . MSE A 1 26 ? 5.290   -11.519 -2.999  1.00 14.05 ? 26  MSE A C   1 
HETATM 163 O  O   . MSE A 1 26 ? 6.226   -11.053 -2.359  1.00 11.93 ? 26  MSE A O   1 
HETATM 164 C  CB  . MSE A 1 26 ? 4.866   -10.719 -5.262  1.00 20.41 ? 26  MSE A CB  1 
HETATM 165 C  CG  . MSE A 1 26 ? 6.337   -10.490 -5.551  1.00 24.90 ? 26  MSE A CG  1 
HETATM 166 SE SE  . MSE A 1 26 ? 6.675   -10.736 -7.447  1.00 38.49 ? 26  MSE A SE  1 
HETATM 167 C  CE  . MSE A 1 26 ? 6.256   -8.939  -8.050  1.00 23.35 ? 26  MSE A CE  1 
HETATM 168 N  N   . HYP A 1 27 ? 5.004   -12.835 -2.982  1.00 12.17 ? 27  HYP A N   1 
HETATM 169 C  CA  . HYP A 1 27 ? 5.810   -13.771 -2.194  1.00 13.03 ? 27  HYP A CA  1 
HETATM 170 C  C   . HYP A 1 27 ? 7.195   -13.751 -2.555  1.00 15.98 ? 27  HYP A C   1 
HETATM 171 O  O   . HYP A 1 27 ? 7.551   -13.456 -3.694  1.00 15.84 ? 27  HYP A O   1 
HETATM 172 C  CB  . HYP A 1 27 ? 5.215   -15.150 -2.537  1.00 12.35 ? 27  HYP A CB  1 
HETATM 173 C  CG  . HYP A 1 27 ? 3.888   -14.914 -3.041  1.00 10.89 ? 27  HYP A CG  1 
HETATM 174 C  CD  . HYP A 1 27 ? 3.976   -13.587 -3.754  1.00 11.54 ? 27  HYP A CD  1 
HETATM 175 O  OD1 . HYP A 1 27 ? 3.061   -14.821 -1.868  1.00 13.42 ? 27  HYP A OD1 1 
ATOM   176 N  N   . GLY A 1 28 ? 8.051   -14.078 -1.591  1.00 16.87 ? 28  GLY A N   1 
ATOM   177 C  CA  . GLY A 1 28 ? 9.477   -14.105 -1.849  1.00 16.80 ? 28  GLY A CA  1 
ATOM   178 C  C   . GLY A 1 28 ? 9.885   -15.342 -2.625  1.00 17.10 ? 28  GLY A C   1 
ATOM   179 O  O   . GLY A 1 28 ? 9.161   -16.334 -2.628  1.00 18.35 ? 28  GLY A O   1 
ATOM   180 N  N   . PRO A 1 29 ? 11.049  -15.314 -3.294  1.00 16.92 ? 29  PRO A N   1 
ATOM   181 C  CA  . PRO A 1 29 ? 11.595  -16.418 -4.096  1.00 17.83 ? 29  PRO A CA  1 
ATOM   182 C  C   . PRO A 1 29 ? 11.791  -17.649 -3.377  1.00 16.88 ? 29  PRO A C   1 
ATOM   183 O  O   . PRO A 1 29 ? 11.840  -17.662 -2.149  1.00 15.36 ? 29  PRO A O   1 
ATOM   184 C  CB  . PRO A 1 29 ? 12.916  -15.847 -4.610  1.00 18.80 ? 29  PRO A CB  1 
ATOM   185 C  CG  . PRO A 1 29 ? 12.658  -14.371 -4.655  1.00 19.54 ? 29  PRO A CG  1 
ATOM   186 C  CD  . PRO A 1 29 ? 11.935  -14.140 -3.361  1.00 17.15 ? 29  PRO A CD  1 
HETATM 187 N  N   . HYP A 1 30 ? 11.905  -18.776 -4.100  1.00 16.72 ? 30  HYP A N   1 
HETATM 188 C  CA  . HYP A 1 30 ? 12.112  -20.019 -3.353  1.00 17.50 ? 30  HYP A CA  1 
HETATM 189 C  C   . HYP A 1 30 ? 13.466  -20.095 -2.894  1.00 17.63 ? 30  HYP A C   1 
HETATM 190 O  O   . HYP A 1 30 ? 14.393  -19.714 -3.605  1.00 18.05 ? 30  HYP A O   1 
HETATM 191 C  CB  . HYP A 1 30 ? 11.848  -21.118 -4.403  1.00 16.77 ? 30  HYP A CB  1 
HETATM 192 C  CG  . HYP A 1 30 ? 11.011  -20.511 -5.393  1.00 17.89 ? 30  HYP A CG  1 
HETATM 193 C  CD  . HYP A 1 30 ? 11.539  -19.103 -5.504  1.00 16.96 ? 30  HYP A CD  1 
HETATM 194 O  OD1 . HYP A 1 30 ? 9.689   -20.538 -4.821  1.00 18.30 ? 30  HYP A OD1 1 
ATOM   195 N  N   . GLY A 1 31 ? 13.651  -20.593 -1.676  1.00 18.66 ? 31  GLY A N   1 
ATOM   196 C  CA  . GLY A 1 31 ? 14.985  -20.716 -1.113  1.00 19.41 ? 31  GLY A CA  1 
ATOM   197 C  C   . GLY A 1 31 ? 15.945  -21.564 -1.932  1.00 18.75 ? 31  GLY A C   1 
ATOM   198 O  O   . GLY A 1 31 ? 15.524  -22.258 -2.847  1.00 18.14 ? 31  GLY A O   1 
ATOM   199 N  N   . PRO A 1 32 ? 17.248  -21.536 -1.609  1.00 20.37 ? 32  PRO A N   1 
ATOM   200 C  CA  . PRO A 1 32 ? 18.325  -22.277 -2.281  1.00 20.07 ? 32  PRO A CA  1 
ATOM   201 C  C   . PRO A 1 32 ? 18.239  -23.713 -2.225  1.00 19.85 ? 32  PRO A C   1 
ATOM   202 O  O   . PRO A 1 32 ? 17.405  -24.273 -1.512  1.00 17.20 ? 32  PRO A O   1 
ATOM   203 C  CB  . PRO A 1 32 ? 19.579  -21.742 -1.597  1.00 21.00 ? 32  PRO A CB  1 
ATOM   204 C  CG  . PRO A 1 32 ? 19.100  -21.500 -0.201  1.00 21.88 ? 32  PRO A CG  1 
ATOM   205 C  CD  . PRO A 1 32 ? 17.776  -20.804 -0.443  1.00 20.83 ? 32  PRO A CD  1 
HETATM 206 N  N   . HYP A 1 33 ? 19.111  -24.411 -2.976  1.00 21.27 ? 33  HYP A N   1 
HETATM 207 C  CA  . HYP A 1 33 ? 19.022  -25.874 -2.921  1.00 22.64 ? 33  HYP A CA  1 
HETATM 208 C  C   . HYP A 1 33 ? 19.605  -26.405 -1.727  1.00 24.75 ? 33  HYP A C   1 
HETATM 209 O  O   . HYP A 1 33 ? 20.477  -25.788 -1.116  1.00 24.91 ? 33  HYP A O   1 
HETATM 210 C  CB  . HYP A 1 33 ? 19.838  -26.323 -4.139  1.00 21.91 ? 33  HYP A CB  1 
HETATM 211 C  CG  . HYP A 1 33 ? 19.798  -25.217 -5.050  1.00 21.87 ? 33  HYP A CG  1 
HETATM 212 C  CD  . HYP A 1 33 ? 19.929  -24.018 -4.156  1.00 20.69 ? 33  HYP A CD  1 
HETATM 213 O  OD1 . HYP A 1 33 ? 18.489  -25.289 -5.652  1.00 26.59 ? 33  HYP A OD1 1 
ATOM   214 N  N   . GLY A 1 34 ? 19.151  -27.592 -1.339  1.00 26.69 ? 34  GLY A N   1 
ATOM   215 C  CA  . GLY A 1 34 ? 19.668  -28.231 -0.142  1.00 29.00 ? 34  GLY A CA  1 
ATOM   216 C  C   . GLY A 1 34 ? 21.107  -28.699 -0.264  1.00 29.65 ? 34  GLY A C   1 
ATOM   217 O  O   . GLY A 1 34 ? 21.715  -28.632 -1.336  1.00 28.83 ? 34  GLY A O   1 
ATOM   218 N  N   . ALA A 1 35 ? 21.660  -29.170 0.848   1.00 30.27 ? 35  ALA A N   1 
ATOM   219 C  CA  . ALA A 1 35 ? 23.033  -29.653 0.867   1.00 31.94 ? 35  ALA A CA  1 
ATOM   220 C  C   . ALA A 1 35 ? 23.143  -30.807 0.042   1.00 32.37 ? 35  ALA A C   1 
ATOM   221 O  O   . ALA A 1 35 ? 22.192  -31.578 -0.082  1.00 31.67 ? 35  ALA A O   1 
ATOM   222 C  CB  . ALA A 1 35 ? 23.454  -29.983 2.297   1.00 32.11 ? 35  ALA A CB  1 
HETATM 223 N  N   . HYP A 1 36 ? 24.313  -31.009 -0.588  1.00 33.12 ? 36  HYP A N   1 
HETATM 224 C  CA  . HYP A 1 36 ? 24.422  -32.199 -1.435  1.00 33.10 ? 36  HYP A CA  1 
HETATM 225 C  C   . HYP A 1 36 ? 24.400  -33.378 -0.627  1.00 33.42 ? 36  HYP A C   1 
HETATM 226 O  O   . HYP A 1 36 ? 25.011  -33.422 0.441   1.00 34.04 ? 36  HYP A O   1 
HETATM 227 C  CB  . HYP A 1 36 ? 25.789  -32.025 -2.113  1.00 33.16 ? 36  HYP A CB  1 
HETATM 228 C  CG  . HYP A 1 36 ? 26.043  -30.612 -2.095  1.00 33.79 ? 36  HYP A CG  1 
HETATM 229 C  CD  . HYP A 1 36 ? 25.533  -30.178 -0.750  1.00 33.24 ? 36  HYP A CD  1 
HETATM 230 O  OD1 . HYP A 1 36 ? 25.236  -30.078 -3.165  1.00 34.56 ? 36  HYP A OD1 1 
ATOM   231 N  N   . GLY A 1 37 ? 23.693  -34.399 -1.102  1.00 33.76 ? 37  GLY A N   1 
ATOM   232 C  CA  . GLY A 1 37 ? 23.569  -35.642 -0.362  1.00 34.60 ? 37  GLY A CA  1 
ATOM   233 C  C   . GLY A 1 37 ? 24.842  -36.386 0.005   1.00 35.00 ? 37  GLY A C   1 
ATOM   234 O  O   . GLY A 1 37 ? 25.927  -36.096 -0.500  1.00 35.04 ? 37  GLY A O   1 
ATOM   235 N  N   . PRO A 1 38 ? 24.728  -37.369 0.904   1.00 35.63 ? 38  PRO A N   1 
ATOM   236 C  CA  . PRO A 1 38 ? 25.866  -38.175 1.356   1.00 38.53 ? 38  PRO A CA  1 
ATOM   237 C  C   . PRO A 1 38 ? 26.196  -39.204 0.428   1.00 40.21 ? 38  PRO A C   1 
ATOM   238 O  O   . PRO A 1 38 ? 25.540  -39.359 -0.600  1.00 39.84 ? 38  PRO A O   1 
ATOM   239 C  CB  . PRO A 1 38 ? 25.372  -38.764 2.678   1.00 37.98 ? 38  PRO A CB  1 
ATOM   240 C  CG  . PRO A 1 38 ? 24.219  -37.880 3.083   1.00 37.16 ? 38  PRO A CG  1 
ATOM   241 C  CD  . PRO A 1 38 ? 23.560  -37.600 1.767   1.00 35.86 ? 38  PRO A CD  1 
ATOM   242 N  N   . CYS A 1 39 ? 27.230  -39.970 0.749   1.00 42.95 ? 39  CYS A N   1 
ATOM   243 C  CA  . CYS A 1 39 ? 27.615  -41.069 -0.097  1.00 47.24 ? 39  CYS A CA  1 
ATOM   244 C  C   . CYS A 1 39 ? 26.774  -42.125 0.375   1.00 48.64 ? 39  CYS A C   1 
ATOM   245 O  O   . CYS A 1 39 ? 25.984  -41.966 1.289   1.00 49.96 ? 39  CYS A O   1 
ATOM   246 C  CB  . CYS A 1 39 ? 29.097  -41.449 0.098   1.00 50.01 ? 39  CYS A CB  1 
ATOM   247 S  SG  . CYS A 1 39 ? 30.244  -40.444 -0.896  1.00 53.24 ? 39  CYS A SG  1 
ATOM   248 N  N   . GLY B 1 4  ? -29.726 41.033  2.408   1.00 31.90 ? 4   GLY B N   1 
ATOM   249 C  CA  . GLY B 1 4  ? -28.368 40.403  2.406   1.00 34.83 ? 4   GLY B CA  1 
ATOM   250 C  C   . GLY B 1 4  ? -28.343 39.029  1.759   1.00 33.99 ? 4   GLY B C   1 
ATOM   251 O  O   . GLY B 1 4  ? -28.922 38.082  2.291   1.00 36.32 ? 4   GLY B O   1 
ATOM   252 N  N   . PRO B 1 5  ? -27.687 38.890  0.596   1.00 32.74 ? 5   PRO B N   1 
ATOM   253 C  CA  . PRO B 1 5  ? -27.590 37.615  -0.124  1.00 30.93 ? 5   PRO B CA  1 
ATOM   254 C  C   . PRO B 1 5  ? -26.513 36.804  0.367   1.00 29.38 ? 5   PRO B C   1 
ATOM   255 O  O   . PRO B 1 5  ? -25.462 37.322  0.741   1.00 28.84 ? 5   PRO B O   1 
ATOM   256 C  CB  . PRO B 1 5  ? -27.373 38.062  -1.562  1.00 32.35 ? 5   PRO B CB  1 
ATOM   257 C  CG  . PRO B 1 5  ? -26.500 39.270  -1.383  1.00 31.53 ? 5   PRO B CG  1 
ATOM   258 C  CD  . PRO B 1 5  ? -27.156 39.998  -0.223  1.00 31.30 ? 5   PRO B CD  1 
HETATM 259 N  N   . HYP B 1 6  ? -26.695 35.471  0.392   1.00 28.26 ? 6   HYP B N   1 
HETATM 260 C  CA  . HYP B 1 6  ? -25.606 34.620  0.892   1.00 27.14 ? 6   HYP B CA  1 
HETATM 261 C  C   . HYP B 1 6  ? -24.439 34.688  0.070   1.00 26.20 ? 6   HYP B C   1 
HETATM 262 O  O   . HYP B 1 6  ? -24.514 35.024  -1.113  1.00 27.78 ? 6   HYP B O   1 
HETATM 263 C  CB  . HYP B 1 6  ? -26.199 33.205  0.820   1.00 26.50 ? 6   HYP B CB  1 
HETATM 264 C  CG  . HYP B 1 6  ? -27.614 33.383  0.894   1.00 26.41 ? 6   HYP B CG  1 
HETATM 265 C  CD  . HYP B 1 6  ? -27.861 34.614  0.054   1.00 27.27 ? 6   HYP B CD  1 
HETATM 266 O  OD1 . HYP B 1 6  ? -27.868 33.625  2.291   1.00 23.78 ? 6   HYP B OD1 1 
ATOM   267 N  N   . GLY B 1 7  ? -23.289 34.360  0.654   1.00 24.66 ? 7   GLY B N   1 
ATOM   268 C  CA  . GLY B 1 7  ? -22.044 34.392  -0.095  1.00 21.78 ? 7   GLY B CA  1 
ATOM   269 C  C   . GLY B 1 7  ? -21.814 33.130  -0.912  1.00 19.86 ? 7   GLY B C   1 
ATOM   270 O  O   . GLY B 1 7  ? -22.618 32.197  -0.852  1.00 20.93 ? 7   GLY B O   1 
ATOM   271 N  N   . PRO B 1 8  ? -20.731 33.075  -1.704  1.00 17.36 ? 8   PRO B N   1 
ATOM   272 C  CA  . PRO B 1 8  ? -20.397 31.912  -2.537  1.00 17.30 ? 8   PRO B CA  1 
ATOM   273 C  C   . PRO B 1 8  ? -19.882 30.785  -1.814  1.00 17.27 ? 8   PRO B C   1 
ATOM   274 O  O   . PRO B 1 8  ? -19.312 30.932  -0.735  1.00 18.96 ? 8   PRO B O   1 
ATOM   275 C  CB  . PRO B 1 8  ? -19.387 32.481  -3.531  1.00 17.95 ? 8   PRO B CB  1 
ATOM   276 C  CG  . PRO B 1 8  ? -18.726 33.576  -2.751  1.00 17.08 ? 8   PRO B CG  1 
ATOM   277 C  CD  . PRO B 1 8  ? -19.894 34.233  -2.066  1.00 16.34 ? 8   PRO B CD  1 
ATOM   278 N  N   . ARG B 1 9  ? -20.060 29.595  -2.381  1.00 15.87 ? 9   ARG B N   1 
ATOM   279 C  CA  . ARG B 1 9  ? -19.594 28.348  -1.771  1.00 16.68 ? 9   ARG B CA  1 
ATOM   280 C  C   . ARG B 1 9  ? -18.154 28.245  -1.773  1.00 15.98 ? 9   ARG B C   1 
ATOM   281 O  O   . ARG B 1 9  ? -17.503 28.546  -2.774  1.00 14.54 ? 9   ARG B O   1 
ATOM   282 C  CB  . ARG B 1 9  ? -20.209 27.155  -2.523  1.00 17.76 ? 9   ARG B CB  1 
ATOM   283 C  CG  . ARG B 1 9  ? -19.915 25.778  -1.927  1.00 21.88 ? 9   ARG B CG  1 
ATOM   284 C  CD  . ARG B 1 9  ? -20.563 24.659  -2.750  1.00 22.02 ? 9   ARG B CD  1 
ATOM   285 N  NE  . ARG B 1 9  ? -22.022 24.758  -2.788  1.00 24.21 ? 9   ARG B NE  1 
ATOM   286 C  CZ  . ARG B 1 9  ? -22.832 24.348  -1.817  1.00 25.14 ? 9   ARG B CZ  1 
ATOM   287 N  NH1 . ARG B 1 9  ? -22.331 23.801  -0.718  1.00 25.74 ? 9   ARG B NH1 1 
ATOM   288 N  NH2 . ARG B 1 9  ? -24.148 24.485  -1.944  1.00 22.53 ? 9   ARG B NH2 1 
ATOM   289 N  N   . GLY B 1 10 ? -17.584 27.819  -0.647  1.00 14.76 ? 10  GLY B N   1 
ATOM   290 C  CA  . GLY B 1 10 ? -16.140 27.673  -0.555  1.00 12.54 ? 10  GLY B CA  1 
ATOM   291 C  C   . GLY B 1 10 ? -15.600 26.646  -1.532  1.00 11.92 ? 10  GLY B C   1 
ATOM   292 O  O   . GLY B 1 10 ? -16.359 25.831  -2.057  1.00 13.52 ? 10  GLY B O   1 
ATOM   293 N  N   . ASN B 1 11 ? -14.295 26.668  -1.784  1.00 10.09 ? 11  ASN B N   1 
ATOM   294 C  CA  . ASN B 1 11 ? -13.707 25.710  -2.718  1.00 10.13 ? 11  ASN B CA  1 
ATOM   295 C  C   . ASN B 1 11 ? -13.700 24.381  -2.173  1.00 9.96  ? 11  ASN B C   1 
ATOM   296 O  O   . ASN B 1 11 ? -13.794 24.205  -0.960  1.00 7.31  ? 11  ASN B O   1 
ATOM   297 C  CB  . ASN B 1 11 ? -12.286 26.142  -3.111  1.00 8.36  ? 11  ASN B CB  1 
ATOM   298 C  CG  . ASN B 1 11 ? -12.261 27.497  -3.815  1.00 13.42 ? 11  ASN B CG  1 
ATOM   299 O  OD1 . ASN B 1 11 ? -13.012 27.729  -4.770  1.00 14.39 ? 11  ASN B OD1 1 
ATOM   300 N  ND2 . ASN B 1 11 ? -11.397 28.396  -3.349  1.00 9.07  ? 11  ASN B ND2 1 
ATOM   301 N  N   . ARG B 1 12 ? -13.608 23.377  -3.043  1.00 12.36 ? 12  ARG B N   1 
ATOM   302 C  CA  . ARG B 1 12 ? -13.591 21.979  -2.617  1.00 14.77 ? 12  ARG B CA  1 
ATOM   303 C  C   . ARG B 1 12 ? -12.383 21.689  -1.923  1.00 16.68 ? 12  ARG B C   1 
ATOM   304 O  O   . ARG B 1 12 ? -11.306 22.159  -2.307  1.00 15.86 ? 12  ARG B O   1 
ATOM   305 C  CB  . ARG B 1 12 ? -13.729 21.045  -3.824  1.00 16.88 ? 12  ARG B CB  1 
ATOM   306 C  CG  . ARG B 1 12 ? -13.731 19.563  -3.465  1.00 21.27 ? 12  ARG B CG  1 
ATOM   307 C  CD  . ARG B 1 12 ? -13.684 18.662  -4.702  1.00 25.88 ? 12  ARG B CD  1 
ATOM   308 N  NE  . ARG B 1 12 ? -15.002 18.192  -5.125  1.00 30.15 ? 12  ARG B NE  1 
ATOM   309 C  CZ  . ARG B 1 12 ? -15.969 18.972  -5.600  1.00 29.37 ? 12  ARG B CZ  1 
ATOM   310 N  NH1 . ARG B 1 12 ? -15.776 20.279  -5.717  1.00 27.82 ? 12  ARG B NH1 1 
ATOM   311 N  NH2 . ARG B 1 12 ? -17.131 18.441  -5.958  1.00 29.29 ? 12  ARG B NH2 1 
ATOM   312 N  N   . GLY B 1 13 ? -12.498 20.894  -0.861  1.00 15.64 ? 13  GLY B N   1 
ATOM   313 C  CA  . GLY B 1 13 ? -11.338 20.534  -0.067  1.00 16.14 ? 13  GLY B CA  1 
ATOM   314 C  C   . GLY B 1 13 ? -10.290 19.764  -0.854  1.00 18.32 ? 13  GLY B C   1 
ATOM   315 O  O   . GLY B 1 13 ? -10.595 19.147  -1.884  1.00 18.69 ? 13  GLY B O   1 
ATOM   316 N  N   . GLU B 1 14 ? -9.053  19.787  -0.364  1.00 16.40 ? 14  GLU B N   1 
ATOM   317 C  CA  . GLU B 1 14 ? -7.956  19.094  -1.024  1.00 17.36 ? 14  GLU B CA  1 
ATOM   318 C  C   . GLU B 1 14 ? -8.064  17.670  -0.976  1.00 15.92 ? 14  GLU B C   1 
ATOM   319 O  O   . GLU B 1 14 ? -8.764  17.099  -0.138  1.00 13.98 ? 14  GLU B O   1 
ATOM   320 C  CB  . GLU B 1 14 ? -6.613  19.539  -0.428  1.00 21.05 ? 14  GLU B CB  1 
ATOM   321 C  CG  . GLU B 1 14 ? -5.843  20.548  -1.280  1.00 23.50 ? 14  GLU B CG  1 
ATOM   322 C  CD  . GLU B 1 14 ? -6.658  21.788  -1.629  1.00 29.67 ? 14  GLU B CD  1 
ATOM   323 O  OE1 . GLU B 1 14 ? -7.127  22.490  -0.703  1.00 35.23 ? 14  GLU B OE1 1 
ATOM   324 O  OE2 . GLU B 1 14 ? -6.827  22.066  -2.835  1.00 28.01 ? 14  GLU B OE2 1 
ATOM   325 N  N   . ARG B 1 15 ? -7.358  17.027  -1.894  1.00 15.76 ? 15  ARG B N   1 
ATOM   326 C  CA  . ARG B 1 15 ? -7.342  15.581  -2.016  1.00 15.52 ? 15  ARG B CA  1 
ATOM   327 C  C   . ARG B 1 15 ? -6.621  15.005  -0.919  1.00 14.08 ? 15  ARG B C   1 
ATOM   328 O  O   . ARG B 1 15 ? -5.614  15.549  -0.490  1.00 11.33 ? 15  ARG B O   1 
ATOM   329 C  CB  . ARG B 1 15 ? -6.670  15.212  -3.340  1.00 16.10 ? 15  ARG B CB  1 
ATOM   330 C  CG  . ARG B 1 15 ? -7.063  13.861  -3.915  1.00 15.10 ? 15  ARG B CG  1 
ATOM   331 C  CD  . ARG B 1 15 ? -6.200  13.542  -5.129  1.00 15.00 ? 15  ARG B CD  1 
ATOM   332 N  NE  . ARG B 1 15 ? -6.718  12.402  -5.871  1.00 16.75 ? 15  ARG B NE  1 
ATOM   333 C  CZ  . ARG B 1 15 ? -7.825  12.433  -6.602  1.00 17.40 ? 15  ARG B CZ  1 
ATOM   334 N  NH1 . ARG B 1 15 ? -8.530  13.553  -6.697  1.00 18.99 ? 15  ARG B NH1 1 
ATOM   335 N  NH2 . ARG B 1 15 ? -8.235  11.343  -7.230  1.00 19.82 ? 15  ARG B NH2 1 
ATOM   336 N  N   . GLY B 1 16 ? -7.110  13.881  -0.398  1.00 13.08 ? 16  GLY B N   1 
ATOM   337 C  CA  . GLY B 1 16 ? -6.434  13.221  0.708   1.00 10.58 ? 16  GLY B CA  1 
ATOM   338 C  C   . GLY B 1 16 ? -5.140  12.618  0.201   1.00 10.81 ? 16  GLY B C   1 
ATOM   339 O  O   . GLY B 1 16 ? -5.061  12.253  -0.973  1.00 14.13 ? 16  GLY B O   1 
ATOM   340 N  N   . SER B 1 17 ? -4.131  12.491  1.061   1.00 8.13  ? 17  SER B N   1 
ATOM   341 C  CA  . SER B 1 17 ? -2.839  11.946  0.638   1.00 8.33  ? 17  SER B CA  1 
ATOM   342 C  C   . SER B 1 17 ? -2.810  10.530  0.392   1.00 11.08 ? 17  SER B C   1 
ATOM   343 O  O   . SER B 1 17 ? -3.649  9.775   0.882   1.00 10.09 ? 17  SER B O   1 
ATOM   344 C  CB  . SER B 1 17 ? -1.756  12.302  1.659   1.00 10.38 ? 17  SER B CB  1 
ATOM   345 O  OG  . SER B 1 17 ? -1.884  11.518  2.831   1.00 8.97  ? 17  SER B OG  1 
ATOM   346 N  N   . GLU B 1 18 ? -1.806  10.105  -0.371  1.00 12.71 ? 18  GLU B N   1 
ATOM   347 C  CA  . GLU B 1 18 ? -1.615  8.709   -0.749  1.00 14.73 ? 18  GLU B CA  1 
ATOM   348 C  C   . GLU B 1 18 ? -1.341  7.820   0.344   1.00 14.06 ? 18  GLU B C   1 
ATOM   349 O  O   . GLU B 1 18 ? -0.433  8.056   1.135   1.00 15.81 ? 18  GLU B O   1 
ATOM   350 C  CB  . GLU B 1 18 ? -0.493  8.616   -1.787  1.00 14.19 ? 18  GLU B CB  1 
ATOM   351 C  CG  . GLU B 1 18 ? -0.364  7.260   -2.431  1.00 18.64 ? 18  GLU B CG  1 
ATOM   352 C  CD  . GLU B 1 18 ? 0.837   7.164   -3.355  1.00 24.28 ? 18  GLU B CD  1 
ATOM   353 O  OE1 . GLU B 1 18 ? 1.985   7.207   -2.853  1.00 25.58 ? 18  GLU B OE1 1 
ATOM   354 O  OE2 . GLU B 1 18 ? 0.631   7.047   -4.584  1.00 25.70 ? 18  GLU B OE2 1 
ATOM   355 N  N   . GLY B 1 19 ? -2.107  6.735   0.421   1.00 13.61 ? 19  GLY B N   1 
ATOM   356 C  CA  . GLY B 1 19 ? -1.938  5.751   1.483   1.00 15.18 ? 19  GLY B CA  1 
ATOM   357 C  C   . GLY B 1 19 ? -0.559  5.110   1.576   1.00 14.56 ? 19  GLY B C   1 
ATOM   358 O  O   . GLY B 1 19 ? 0.192   5.093   0.602   1.00 16.48 ? 19  GLY B O   1 
ATOM   359 N  N   . SER B 1 20 ? -0.236  4.567   2.749   1.00 13.17 ? 20  SER B N   1 
ATOM   360 C  CA  . SER B 1 20 ? 1.063   3.931   2.991   1.00 14.63 ? 20  SER B CA  1 
ATOM   361 C  C   . SER B 1 20 ? 1.209   2.624   2.404   1.00 12.71 ? 20  SER B C   1 
ATOM   362 O  O   . SER B 1 20 ? 0.225   1.897   2.247   1.00 15.17 ? 20  SER B O   1 
ATOM   363 C  CB  . SER B 1 20 ? 1.339   3.867   4.504   1.00 15.59 ? 20  SER B CB  1 
ATOM   364 O  OG  . SER B 1 20 ? 0.317   3.172   5.201   1.00 17.72 ? 20  SER B OG  1 
HETATM 365 N  N   . HYP B 1 21 ? 2.452   2.236   2.040   1.00 10.27 ? 21  HYP B N   1 
HETATM 366 C  CA  . HYP B 1 21 ? 2.772   0.939   1.428   1.00 8.96  ? 21  HYP B CA  1 
HETATM 367 C  C   . HYP B 1 21 ? 2.323   -0.160  2.223   1.00 8.02  ? 21  HYP B C   1 
HETATM 368 O  O   . HYP B 1 21 ? 2.263   -0.060  3.442   1.00 11.64 ? 21  HYP B O   1 
HETATM 369 C  CB  . HYP B 1 21 ? 4.310   0.916   1.379   1.00 7.30  ? 21  HYP B CB  1 
HETATM 370 C  CG  . HYP B 1 21 ? 4.766   2.267   1.530   1.00 9.24  ? 21  HYP B CG  1 
HETATM 371 C  CD  . HYP B 1 21 ? 3.717   2.965   2.352   1.00 10.50 ? 21  HYP B CD  1 
HETATM 372 O  OD1 . HYP B 1 21 ? 4.821   2.793   0.193   1.00 11.58 ? 21  HYP B OD1 1 
ATOM   373 N  N   . GLY B 1 22 ? 2.005   -1.276  1.576   1.00 6.61  ? 22  GLY B N   1 
ATOM   374 C  CA  . GLY B 1 22 ? 1.533   -2.448  2.295   1.00 6.73  ? 22  GLY B CA  1 
ATOM   375 C  C   . GLY B 1 22 ? 2.619   -3.344  2.867   1.00 7.10  ? 22  GLY B C   1 
ATOM   376 O  O   . GLY B 1 22 ? 3.803   -3.102  2.659   1.00 5.65  ? 22  GLY B O   1 
ATOM   377 N  N   . HIS B 1 23 ? 2.204   -4.392  3.580   1.00 9.19  ? 23  HIS B N   1 
ATOM   378 C  CA  . HIS B 1 23 ? 3.114   -5.351  4.220   1.00 11.00 ? 23  HIS B CA  1 
ATOM   379 C  C   . HIS B 1 23 ? 3.930   -6.093  3.309   1.00 11.82 ? 23  HIS B C   1 
ATOM   380 O  O   . HIS B 1 23 ? 3.562   -6.294  2.156   1.00 14.89 ? 23  HIS B O   1 
ATOM   381 C  CB  . HIS B 1 23 ? 2.318   -6.363  5.045   1.00 9.78  ? 23  HIS B CB  1 
ATOM   382 C  CG  . HIS B 1 23 ? 1.516   -5.755  6.151   1.00 10.67 ? 23  HIS B CG  1 
ATOM   383 N  ND1 . HIS B 1 23 ? 0.223   -6.154  6.431   1.00 10.10 ? 23  HIS B ND1 1 
ATOM   384 C  CD2 . HIS B 1 23 ? 1.823   -4.809  7.063   1.00 7.70  ? 23  HIS B CD2 1 
ATOM   385 C  CE1 . HIS B 1 23 ? -0.230  -5.476  7.466   1.00 6.01  ? 23  HIS B CE1 1 
ATOM   386 N  NE2 . HIS B 1 23 ? 0.726   -4.648  7.871   1.00 8.63  ? 23  HIS B NE2 1 
HETATM 387 N  N   . HYP B 1 24 ? 5.094   -6.580  3.774   1.00 12.00 ? 24  HYP B N   1 
HETATM 388 C  CA  . HYP B 1 24 ? 5.846   -7.330  2.766   1.00 10.82 ? 24  HYP B CA  1 
HETATM 389 C  C   . HYP B 1 24 ? 5.130   -8.525  2.413   1.00 11.24 ? 24  HYP B C   1 
HETATM 390 O  O   . HYP B 1 24 ? 4.122   -8.860  3.037   1.00 10.43 ? 24  HYP B O   1 
HETATM 391 C  CB  . HYP B 1 24 ? 7.162   -7.698  3.491   1.00 11.02 ? 24  HYP B CB  1 
HETATM 392 C  CG  . HYP B 1 24 ? 7.309   -6.766  4.572   1.00 8.90  ? 24  HYP B CG  1 
HETATM 393 C  CD  . HYP B 1 24 ? 5.894   -6.495  5.032   1.00 8.70  ? 24  HYP B CD  1 
HETATM 394 O  OD1 . HYP B 1 24 ? 7.910   -5.602  3.959   1.00 13.29 ? 24  HYP B OD1 1 
ATOM   395 N  N   . GLY B 1 25 ? 5.605   -9.231  1.390   1.00 10.24 ? 25  GLY B N   1 
ATOM   396 C  CA  . GLY B 1 25 ? 4.952   -10.459 0.975   1.00 9.16  ? 25  GLY B CA  1 
ATOM   397 C  C   . GLY B 1 25 ? 5.310   -11.606 1.910   1.00 10.07 ? 25  GLY B C   1 
ATOM   398 O  O   . GLY B 1 25 ? 6.138   -11.433 2.806   1.00 7.85  ? 25  GLY B O   1 
HETATM 399 N  N   . MSE B 1 26 ? 4.702   -12.775 1.714   1.00 9.48  ? 26  MSE B N   1 
HETATM 400 C  CA  . MSE B 1 26 ? 4.999   -13.907 2.578   1.00 9.61  ? 26  MSE B CA  1 
HETATM 401 C  C   . MSE B 1 26 ? 6.267   -14.492 2.259   1.00 8.65  ? 26  MSE B C   1 
HETATM 402 O  O   . MSE B 1 26 ? 6.779   -14.339 1.143   1.00 3.10  ? 26  MSE B O   1 
HETATM 403 C  CB  . MSE B 1 26 ? 3.879   -14.958 2.508   1.00 16.21 ? 26  MSE B CB  1 
HETATM 404 C  CG  . MSE B 1 26 ? 3.727   -15.681 1.181   1.00 24.53 ? 26  MSE B CG  1 
HETATM 405 SE SE  . MSE B 1 26 ? 2.306   -17.030 1.250   1.00 27.51 ? 26  MSE B SE  1 
HETATM 406 C  CE  . MSE B 1 26 ? 0.812   -15.886 0.807   1.00 25.56 ? 26  MSE B CE  1 
HETATM 407 N  N   . HYP B 1 27 ? 6.875   -15.194 3.230   1.00 9.50  ? 27  HYP B N   1 
HETATM 408 C  CA  . HYP B 1 27 ? 8.172   -15.807 2.960   1.00 9.46  ? 27  HYP B CA  1 
HETATM 409 C  C   . HYP B 1 27 ? 8.079   -16.762 1.898   1.00 12.60 ? 27  HYP B C   1 
HETATM 410 O  O   . HYP B 1 27 ? 7.042   -17.406 1.710   1.00 13.91 ? 27  HYP B O   1 
HETATM 411 C  CB  . HYP B 1 27 ? 8.520   -16.491 4.288   1.00 10.51 ? 27  HYP B CB  1 
HETATM 412 C  CG  . HYP B 1 27 ? 7.787   -15.777 5.292   1.00 10.30 ? 27  HYP B CG  1 
HETATM 413 C  CD  . HYP B 1 27 ? 6.474   -15.486 4.633   1.00 11.12 ? 27  HYP B CD  1 
HETATM 414 O  OD1 . HYP B 1 27 ? 8.541   -14.575 5.519   1.00 7.43  ? 27  HYP B OD1 1 
ATOM   415 N  N   . GLY B 1 28 ? 9.168   -16.903 1.147   1.00 12.51 ? 28  GLY B N   1 
ATOM   416 C  CA  . GLY B 1 28 ? 9.188   -17.824 0.019   1.00 14.69 ? 28  GLY B CA  1 
ATOM   417 C  C   . GLY B 1 28 ? 9.136   -19.309 0.340   1.00 13.92 ? 28  GLY B C   1 
ATOM   418 O  O   . GLY B 1 28 ? 9.385   -19.715 1.478   1.00 16.57 ? 28  GLY B O   1 
ATOM   419 N  N   . PRO B 1 29 ? 8.810   -20.148 -0.659  1.00 11.02 ? 29  PRO B N   1 
ATOM   420 C  CA  . PRO B 1 29 ? 8.712   -21.608 -0.535  1.00 12.74 ? 29  PRO B CA  1 
ATOM   421 C  C   . PRO B 1 29 ? 10.004  -22.207 -0.346  1.00 13.41 ? 29  PRO B C   1 
ATOM   422 O  O   . PRO B 1 29 ? 11.032  -21.561 -0.549  1.00 12.64 ? 29  PRO B O   1 
ATOM   423 C  CB  . PRO B 1 29 ? 8.085   -22.035 -1.867  1.00 10.49 ? 29  PRO B CB  1 
ATOM   424 C  CG  . PRO B 1 29 ? 7.425   -20.794 -2.377  1.00 12.78 ? 29  PRO B CG  1 
ATOM   425 C  CD  . PRO B 1 29 ? 8.406   -19.719 -2.005  1.00 10.99 ? 29  PRO B CD  1 
HETATM 426 N  N   . HYP B 1 30 ? 10.039  -23.491 0.042   1.00 13.12 ? 30  HYP B N   1 
HETATM 427 C  CA  . HYP B 1 30 ? 11.351  -24.110 0.234   1.00 14.38 ? 30  HYP B CA  1 
HETATM 428 C  C   . HYP B 1 30 ? 11.969  -24.400 -1.032  1.00 15.83 ? 30  HYP B C   1 
HETATM 429 O  O   . HYP B 1 30 ? 11.292  -24.500 -2.066  1.00 16.43 ? 30  HYP B O   1 
HETATM 430 C  CB  . HYP B 1 30 ? 11.027  -25.407 0.989   1.00 12.68 ? 30  HYP B CB  1 
HETATM 431 C  CG  . HYP B 1 30 ? 9.766   -25.177 1.637   1.00 14.98 ? 30  HYP B CG  1 
HETATM 432 C  CD  . HYP B 1 30 ? 8.990   -24.353 0.640   1.00 16.94 ? 30  HYP B CD  1 
HETATM 433 O  OD1 . HYP B 1 30 ? 10.085  -24.407 2.810   1.00 16.44 ? 30  HYP B OD1 1 
ATOM   434 N  N   . GLY B 1 31 ? 13.291  -24.545 -1.020  1.00 15.14 ? 31  GLY B N   1 
ATOM   435 C  CA  . GLY B 1 31 ? 14.014  -24.831 -2.247  1.00 14.95 ? 31  GLY B CA  1 
ATOM   436 C  C   . GLY B 1 31 ? 13.955  -26.289 -2.687  1.00 16.42 ? 31  GLY B C   1 
ATOM   437 O  O   . GLY B 1 31 ? 13.298  -27.112 -2.041  1.00 13.22 ? 31  GLY B O   1 
ATOM   438 N  N   . PRO B 1 32 ? 14.639  -26.638 -3.794  1.00 16.17 ? 32  PRO B N   1 
ATOM   439 C  CA  . PRO B 1 32 ? 14.691  -27.994 -4.356  1.00 18.24 ? 32  PRO B CA  1 
ATOM   440 C  C   . PRO B 1 32 ? 15.505  -28.885 -3.583  1.00 18.52 ? 32  PRO B C   1 
ATOM   441 O  O   . PRO B 1 32 ? 16.391  -28.446 -2.857  1.00 19.63 ? 32  PRO B O   1 
ATOM   442 C  CB  . PRO B 1 32 ? 15.274  -27.777 -5.757  1.00 15.30 ? 32  PRO B CB  1 
ATOM   443 C  CG  . PRO B 1 32 ? 15.055  -26.311 -6.032  1.00 17.26 ? 32  PRO B CG  1 
ATOM   444 C  CD  . PRO B 1 32 ? 15.318  -25.690 -4.690  1.00 15.77 ? 32  PRO B CD  1 
HETATM 445 N  N   . HYP B 1 33 ? 15.259  -30.203 -3.685  1.00 19.88 ? 33  HYP B N   1 
HETATM 446 C  CA  . HYP B 1 33 ? 16.141  -31.043 -2.872  1.00 21.68 ? 33  HYP B CA  1 
HETATM 447 C  C   . HYP B 1 33 ? 17.492  -30.913 -3.327  1.00 22.86 ? 33  HYP B C   1 
HETATM 448 O  O   . HYP B 1 33 ? 17.734  -30.552 -4.479  1.00 21.45 ? 33  HYP B O   1 
HETATM 449 C  CB  . HYP B 1 33 ? 15.620  -32.468 -3.121  1.00 21.09 ? 33  HYP B CB  1 
HETATM 450 C  CG  . HYP B 1 33 ? 14.255  -32.322 -3.548  1.00 20.97 ? 33  HYP B CG  1 
HETATM 451 C  CD  . HYP B 1 33 ? 14.256  -31.059 -4.380  1.00 20.12 ? 33  HYP B CD  1 
HETATM 452 O  OD1 . HYP B 1 33 ? 13.519  -32.161 -2.321  1.00 23.10 ? 33  HYP B OD1 1 
ATOM   453 N  N   . GLY B 1 34 ? 18.445  -31.192 -2.445  1.00 24.84 ? 34  GLY B N   1 
ATOM   454 C  CA  . GLY B 1 34 ? 19.847  -31.082 -2.812  1.00 26.93 ? 34  GLY B CA  1 
ATOM   455 C  C   . GLY B 1 34 ? 20.295  -32.132 -3.813  1.00 28.23 ? 34  GLY B C   1 
ATOM   456 O  O   . GLY B 1 34 ? 19.607  -33.123 -4.035  1.00 28.02 ? 34  GLY B O   1 
ATOM   457 N  N   . ALA B 1 35 ? 21.457  -31.913 -4.416  1.00 30.11 ? 35  ALA B N   1 
ATOM   458 C  CA  . ALA B 1 35 ? 22.001  -32.842 -5.403  1.00 32.68 ? 35  ALA B CA  1 
ATOM   459 C  C   . ALA B 1 35 ? 22.309  -34.125 -4.840  1.00 34.07 ? 35  ALA B C   1 
ATOM   460 O  O   . ALA B 1 35 ? 22.616  -34.231 -3.652  1.00 32.95 ? 35  ALA B O   1 
ATOM   461 C  CB  . ALA B 1 35 ? 23.247  -32.241 -6.051  1.00 32.08 ? 35  ALA B CB  1 
HETATM 462 N  N   . HYP B 1 36 ? 22.247  -35.194 -5.658  1.00 36.98 ? 36  HYP B N   1 
HETATM 463 C  CA  . HYP B 1 36 ? 22.557  -36.524 -5.121  1.00 39.66 ? 36  HYP B CA  1 
HETATM 464 C  C   . HYP B 1 36 ? 23.919  -36.592 -4.674  1.00 41.69 ? 36  HYP B C   1 
HETATM 465 O  O   . HYP B 1 36 ? 24.776  -35.859 -5.169  1.00 42.01 ? 36  HYP B O   1 
HETATM 466 C  CB  . HYP B 1 36 ? 22.374  -37.457 -6.335  1.00 40.29 ? 36  HYP B CB  1 
HETATM 467 C  CG  . HYP B 1 36 ? 21.537  -36.755 -7.272  1.00 40.98 ? 36  HYP B CG  1 
HETATM 468 C  CD  . HYP B 1 36 ? 21.900  -35.301 -7.102  1.00 39.85 ? 36  HYP B CD  1 
HETATM 469 O  OD1 . HYP B 1 36 ? 20.190  -37.024 -6.835  1.00 41.21 ? 36  HYP B OD1 1 
ATOM   470 N  N   . GLY B 1 37 ? 24.196  -37.476 -3.719  1.00 43.04 ? 37  GLY B N   1 
ATOM   471 C  CA  . GLY B 1 37 ? 25.554  -37.619 -3.208  1.00 45.47 ? 37  GLY B CA  1 
ATOM   472 C  C   . GLY B 1 37 ? 26.552  -37.998 -4.295  1.00 46.66 ? 37  GLY B C   1 
ATOM   473 O  O   . GLY B 1 37 ? 26.133  -38.435 -5.366  1.00 46.74 ? 37  GLY B O   1 
ATOM   474 N  N   . PRO B 1 38 ? 27.873  -37.844 -4.061  1.00 47.88 ? 38  PRO B N   1 
ATOM   475 C  CA  . PRO B 1 38 ? 28.920  -38.179 -5.038  1.00 48.74 ? 38  PRO B CA  1 
ATOM   476 C  C   . PRO B 1 38 ? 29.166  -39.595 -5.028  1.00 50.41 ? 38  PRO B C   1 
ATOM   477 O  O   . PRO B 1 38 ? 28.658  -40.299 -4.158  1.00 49.82 ? 38  PRO B O   1 
ATOM   478 C  CB  . PRO B 1 38 ? 30.126  -37.378 -4.536  1.00 48.95 ? 38  PRO B CB  1 
ATOM   479 C  CG  . PRO B 1 38 ? 29.512  -36.300 -3.647  1.00 49.02 ? 38  PRO B CG  1 
ATOM   480 C  CD  . PRO B 1 38 ? 28.454  -37.094 -2.940  1.00 47.65 ? 38  PRO B CD  1 
ATOM   481 N  N   . CYS B 1 39 ? 29.924  -40.110 -5.995  1.00 52.88 ? 39  CYS B N   1 
ATOM   482 C  CA  . CYS B 1 39 ? 30.215  -41.543 -5.994  1.00 55.02 ? 39  CYS B CA  1 
ATOM   483 C  C   . CYS B 1 39 ? 31.495  -41.697 -5.414  1.00 54.91 ? 39  CYS B C   1 
ATOM   484 O  O   . CYS B 1 39 ? 32.536  -41.555 -6.070  1.00 54.88 ? 39  CYS B O   1 
ATOM   485 C  CB  . CYS B 1 39 ? 30.190  -42.146 -7.398  1.00 58.31 ? 39  CYS B CB  1 
ATOM   486 S  SG  . CYS B 1 39 ? 30.842  -43.855 -7.551  1.00 63.34 ? 39  CYS B SG  1 
ATOM   487 N  N   . CYS B 1 40 ? 31.457  -41.964 -4.115  1.00 54.92 ? 40  CYS B N   1 
ATOM   488 C  CA  . CYS B 1 40 ? 32.632  -42.171 -3.296  1.00 55.30 ? 40  CYS B CA  1 
ATOM   489 C  C   . CYS B 1 40 ? 33.479  -43.166 -3.879  1.00 56.08 ? 40  CYS B C   1 
ATOM   490 O  O   . CYS B 1 40 ? 32.988  -43.937 -4.734  1.00 56.56 ? 40  CYS B O   1 
ATOM   491 C  CB  . CYS B 1 40 ? 32.193  -42.611 -1.896  1.00 55.28 ? 40  CYS B CB  1 
ATOM   492 S  SG  . CYS B 1 40 ? 32.067  -41.307 -0.616  1.00 57.26 ? 40  CYS B SG  1 
ATOM   493 N  N   . PRO C 1 2  ? -26.226 45.709  5.526   1.00 28.98 ? 2   PRO C N   1 
ATOM   494 C  CA  . PRO C 1 2  ? -25.605 44.689  6.399   1.00 28.96 ? 2   PRO C CA  1 
ATOM   495 C  C   . PRO C 1 2  ? -25.263 43.585  5.556   1.00 29.35 ? 2   PRO C C   1 
ATOM   496 O  O   . PRO C 1 2  ? -26.077 43.148  4.737   1.00 28.49 ? 2   PRO C O   1 
ATOM   497 C  CB  . PRO C 1 2  ? -26.656 44.298  7.422   1.00 29.55 ? 2   PRO C CB  1 
ATOM   498 C  CG  . PRO C 1 2  ? -27.918 44.421  6.570   1.00 29.31 ? 2   PRO C CG  1 
ATOM   499 C  CD  . PRO C 1 2  ? -27.693 45.674  5.685   1.00 30.73 ? 2   PRO C CD  1 
ATOM   500 N  N   . ILE C 1 3  ? -24.051 43.065  5.704   1.00 27.75 ? 3   ILE C N   1 
ATOM   501 C  CA  . ILE C 1 3  ? -23.616 41.962  4.867   1.00 27.87 ? 3   ILE C CA  1 
ATOM   502 C  C   . ILE C 1 3  ? -24.330 40.755  5.075   1.00 27.17 ? 3   ILE C C   1 
ATOM   503 O  O   . ILE C 1 3  ? -24.745 40.428  6.182   1.00 27.08 ? 3   ILE C O   1 
ATOM   504 C  CB  . ILE C 1 3  ? -22.100 41.696  5.024   1.00 29.68 ? 3   ILE C CB  1 
ATOM   505 C  CG1 . ILE C 1 3  ? -21.309 42.868  4.430   1.00 31.40 ? 3   ILE C CG1 1 
ATOM   506 C  CG2 . ILE C 1 3  ? -21.705 40.409  4.297   1.00 28.28 ? 3   ILE C CG2 1 
ATOM   507 C  CD1 . ILE C 1 3  ? -19.800 42.655  4.411   1.00 33.46 ? 3   ILE C CD1 1 
ATOM   508 N  N   . GLY C 1 4  ? -24.514 40.027  3.981   1.00 25.31 ? 4   GLY C N   1 
ATOM   509 C  CA  . GLY C 1 4  ? -25.214 38.764  4.024   1.00 21.26 ? 4   GLY C CA  1 
ATOM   510 C  C   . GLY C 1 4  ? -24.376 37.701  4.698   1.00 19.79 ? 4   GLY C C   1 
ATOM   511 O  O   . GLY C 1 4  ? -23.166 37.865  4.867   1.00 18.64 ? 4   GLY C O   1 
ATOM   512 N  N   . PRO C 1 5  ? -25.005 36.587  5.096   1.00 18.97 ? 5   PRO C N   1 
ATOM   513 C  CA  . PRO C 1 5  ? -24.378 35.445  5.769   1.00 18.92 ? 5   PRO C CA  1 
ATOM   514 C  C   . PRO C 1 5  ? -23.350 34.821  4.988   1.00 19.69 ? 5   PRO C C   1 
ATOM   515 O  O   . PRO C 1 5  ? -23.351 34.920  3.761   1.00 19.09 ? 5   PRO C O   1 
ATOM   516 C  CB  . PRO C 1 5  ? -25.561 34.512  6.024   1.00 19.39 ? 5   PRO C CB  1 
ATOM   517 C  CG  . PRO C 1 5  ? -26.446 34.785  4.853   1.00 20.00 ? 5   PRO C CG  1 
ATOM   518 C  CD  . PRO C 1 5  ? -26.415 36.297  4.793   1.00 19.33 ? 5   PRO C CD  1 
HETATM 519 N  N   . HYP C 1 6  ? -22.405 34.125  5.649   1.00 20.58 ? 6   HYP C N   1 
HETATM 520 C  CA  . HYP C 1 6  ? -21.343 33.477  4.874   1.00 19.85 ? 6   HYP C CA  1 
HETATM 521 C  C   . HYP C 1 6  ? -21.892 32.505  3.989   1.00 20.13 ? 6   HYP C C   1 
HETATM 522 O  O   . HYP C 1 6  ? -23.028 32.065  4.170   1.00 18.48 ? 6   HYP C O   1 
HETATM 523 C  CB  . HYP C 1 6  ? -20.491 32.780  5.948   1.00 20.12 ? 6   HYP C CB  1 
HETATM 524 C  CG  . HYP C 1 6  ? -20.728 33.517  7.153   1.00 21.09 ? 6   HYP C CG  1 
HETATM 525 C  CD  . HYP C 1 6  ? -22.198 33.837  7.092   1.00 21.30 ? 6   HYP C CD  1 
HETATM 526 O  OD1 . HYP C 1 6  ? -19.920 34.700  7.014   1.00 22.63 ? 6   HYP C OD1 1 
ATOM   527 N  N   . GLY C 1 7  ? -21.119 32.118  2.980   1.00 18.71 ? 7   GLY C N   1 
ATOM   528 C  CA  . GLY C 1 7  ? -21.591 31.124  2.035   1.00 17.86 ? 7   GLY C CA  1 
ATOM   529 C  C   . GLY C 1 7  ? -21.430 29.725  2.597   1.00 18.17 ? 7   GLY C C   1 
ATOM   530 O  O   . GLY C 1 7  ? -20.707 29.534  3.579   1.00 19.54 ? 7   GLY C O   1 
ATOM   531 N  N   . PRO C 1 8  ? -22.087 28.717  2.002   1.00 17.15 ? 8   PRO C N   1 
ATOM   532 C  CA  . PRO C 1 8  ? -21.963 27.347  2.511   1.00 16.81 ? 8   PRO C CA  1 
ATOM   533 C  C   . PRO C 1 8  ? -20.673 26.775  2.291   1.00 16.64 ? 8   PRO C C   1 
ATOM   534 O  O   . PRO C 1 8  ? -19.964 27.139  1.351   1.00 18.11 ? 8   PRO C O   1 
ATOM   535 C  CB  . PRO C 1 8  ? -23.077 26.607  1.776   1.00 18.58 ? 8   PRO C CB  1 
ATOM   536 C  CG  . PRO C 1 8  ? -23.126 27.328  0.450   1.00 19.14 ? 8   PRO C CG  1 
ATOM   537 C  CD  . PRO C 1 8  ? -23.012 28.779  0.854   1.00 15.56 ? 8   PRO C CD  1 
ATOM   538 N  N   . ARG C 1 9  ? -20.307 25.840  3.161   1.00 15.96 ? 9   ARG C N   1 
ATOM   539 C  CA  . ARG C 1 9  ? -19.025 25.150  3.108   1.00 15.88 ? 9   ARG C CA  1 
ATOM   540 C  C   . ARG C 1 9  ? -18.837 24.408  1.901   1.00 15.46 ? 9   ARG C C   1 
ATOM   541 O  O   . ARG C 1 9  ? -19.794 23.906  1.312   1.00 17.47 ? 9   ARG C O   1 
ATOM   542 C  CB  . ARG C 1 9  ? -18.911 24.204  4.300   1.00 17.43 ? 9   ARG C CB  1 
ATOM   543 C  CG  . ARG C 1 9  ? -17.543 23.594  4.493   1.00 19.18 ? 9   ARG C CG  1 
ATOM   544 C  CD  . ARG C 1 9  ? -17.597 22.507  5.557   1.00 20.88 ? 9   ARG C CD  1 
ATOM   545 N  NE  . ARG C 1 9  ? -16.274 22.164  6.065   1.00 18.89 ? 9   ARG C NE  1 
ATOM   546 C  CZ  . ARG C 1 9  ? -16.047 21.206  6.956   1.00 19.67 ? 9   ARG C CZ  1 
ATOM   547 N  NH1 . ARG C 1 9  ? -17.061 20.493  7.431   1.00 20.12 ? 9   ARG C NH1 1 
ATOM   548 N  NH2 . ARG C 1 9  ? -14.811 20.965  7.373   1.00 18.92 ? 9   ARG C NH2 1 
ATOM   549 N  N   . GLY C 1 10 ? -17.580 24.285  1.481   1.00 14.57 ? 10  GLY C N   1 
ATOM   550 C  CA  . GLY C 1 10 ? -17.262 23.549  0.273   1.00 10.24 ? 10  GLY C CA  1 
ATOM   551 C  C   . GLY C 1 10 ? -17.376 22.048  0.455   1.00 10.37 ? 10  GLY C C   1 
ATOM   552 O  O   . GLY C 1 10 ? -17.570 21.555  1.562   1.00 9.82  ? 10  GLY C O   1 
ATOM   553 N  N   . ASN C 1 11 ? -17.250 21.317  -0.647  1.00 11.71 ? 11  ASN C N   1 
ATOM   554 C  CA  . ASN C 1 11 ? -17.337 19.861  -0.634  1.00 14.16 ? 11  ASN C CA  1 
ATOM   555 C  C   . ASN C 1 11 ? -16.100 19.265  -0.220  1.00 14.92 ? 11  ASN C C   1 
ATOM   556 O  O   . ASN C 1 11 ? -15.055 19.919  -0.235  1.00 15.43 ? 11  ASN C O   1 
ATOM   557 C  CB  . ASN C 1 11 ? -17.721 19.349  -2.029  1.00 15.13 ? 11  ASN C CB  1 
ATOM   558 C  CG  . ASN C 1 11 ? -19.033 19.941  -2.536  1.00 19.27 ? 11  ASN C CG  1 
ATOM   559 O  OD1 . ASN C 1 11 ? -20.044 19.947  -1.826  1.00 21.76 ? 11  ASN C OD1 1 
ATOM   560 N  ND2 . ASN C 1 11 ? -19.023 20.440  -3.771  1.00 18.19 ? 11  ASN C ND2 1 
ATOM   561 N  N   . ARG C 1 12 ? -16.159 17.991  0.169   1.00 15.41 ? 12  ARG C N   1 
ATOM   562 C  CA  . ARG C 1 12 ? -14.981 17.243  0.612   1.00 18.00 ? 12  ARG C CA  1 
ATOM   563 C  C   . ARG C 1 12 ? -14.135 16.876  -0.476  1.00 18.23 ? 12  ARG C C   1 
ATOM   564 O  O   . ARG C 1 12 ? -14.605 16.638  -1.589  1.00 19.09 ? 12  ARG C O   1 
ATOM   565 C  CB  . ARG C 1 12 ? -15.392 15.955  1.329   1.00 18.52 ? 12  ARG C CB  1 
ATOM   566 C  CG  . ARG C 1 12 ? -16.011 16.121  2.693   1.00 23.73 ? 12  ARG C CG  1 
ATOM   567 C  CD  . ARG C 1 12 ? -16.314 14.753  3.286   1.00 27.89 ? 12  ARG C CD  1 
ATOM   568 N  NE  . ARG C 1 12 ? -15.109 13.940  3.446   1.00 30.68 ? 12  ARG C NE  1 
ATOM   569 C  CZ  . ARG C 1 12 ? -15.110 12.614  3.582   1.00 32.95 ? 12  ARG C CZ  1 
ATOM   570 N  NH1 . ARG C 1 12 ? -16.255 11.940  3.570   1.00 33.51 ? 12  ARG C NH1 1 
ATOM   571 N  NH2 . ARG C 1 12 ? -13.965 11.962  3.740   1.00 35.90 ? 12  ARG C NH2 1 
ATOM   572 N  N   . GLY C 1 13 ? -12.837 16.785  -0.211  1.00 17.34 ? 13  GLY C N   1 
ATOM   573 C  CA  . GLY C 1 13 ? -11.910 16.389  -1.254  1.00 15.40 ? 13  GLY C CA  1 
ATOM   574 C  C   . GLY C 1 13 ? -12.078 14.902  -1.493  1.00 15.73 ? 13  GLY C C   1 
ATOM   575 O  O   . GLY C 1 13 ? -12.692 14.215  -0.677  1.00 17.19 ? 13  GLY C O   1 
ATOM   576 N  N   . GLU C 1 14 ? -11.551 14.399  -2.606  1.00 12.94 ? 14  GLU C N   1 
ATOM   577 C  CA  . GLU C 1 14 ? -11.663 12.979  -2.903  1.00 12.20 ? 14  GLU C CA  1 
ATOM   578 C  C   . GLU C 1 14 ? -10.755 12.218  -2.088  1.00 12.06 ? 14  GLU C C   1 
ATOM   579 O  O   . GLU C 1 14 ? -9.718  12.734  -1.670  1.00 6.46  ? 14  GLU C O   1 
ATOM   580 C  CB  . GLU C 1 14 ? -11.391 12.722  -4.396  1.00 14.85 ? 14  GLU C CB  1 
ATOM   581 C  CG  . GLU C 1 14 ? -12.631 12.770  -5.309  1.00 16.87 ? 14  GLU C CG  1 
ATOM   582 C  CD  . GLU C 1 14 ? -13.190 14.176  -5.505  1.00 20.66 ? 14  GLU C CD  1 
ATOM   583 O  OE1 . GLU C 1 14 ? -12.506 15.017  -6.129  1.00 22.52 ? 14  GLU C OE1 1 
ATOM   584 O  OE2 . GLU C 1 14 ? -14.317 14.449  -5.033  1.00 23.56 ? 14  GLU C OE2 1 
ATOM   585 N  N   . ARG C 1 15 ? -11.107 10.959  -1.816  1.00 12.73 ? 15  ARG C N   1 
ATOM   586 C  CA  . ARG C 1 15 ? -10.275 10.065  -1.003  1.00 14.11 ? 15  ARG C CA  1 
ATOM   587 C  C   . ARG C 1 15 ? -8.999  9.894   -1.593  1.00 16.09 ? 15  ARG C C   1 
ATOM   588 O  O   . ARG C 1 15 ? -8.868  9.860   -2.815  1.00 17.41 ? 15  ARG C O   1 
ATOM   589 C  CB  . ARG C 1 15 ? -10.903 8.673   -0.864  1.00 13.42 ? 15  ARG C CB  1 
ATOM   590 C  CG  . ARG C 1 15 ? -11.921 8.484   0.256   1.00 19.10 ? 15  ARG C CG  1 
ATOM   591 C  CD  . ARG C 1 15 ? -12.201 6.985   0.454   1.00 16.10 ? 15  ARG C CD  1 
ATOM   592 N  NE  . ARG C 1 15 ? -11.007 6.274   0.903   1.00 20.82 ? 15  ARG C NE  1 
ATOM   593 C  CZ  . ARG C 1 15 ? -10.672 6.102   2.180   1.00 19.61 ? 15  ARG C CZ  1 
ATOM   594 N  NH1 . ARG C 1 15 ? -11.450 6.581   3.141   1.00 17.98 ? 15  ARG C NH1 1 
ATOM   595 N  NH2 . ARG C 1 15 ? -9.554  5.462   2.498   1.00 21.05 ? 15  ARG C NH2 1 
ATOM   596 N  N   . GLY C 1 16 ? -7.979  9.761   -0.754  1.00 15.72 ? 16  GLY C N   1 
ATOM   597 C  CA  . GLY C 1 16 ? -6.643  9.557   -1.265  1.00 13.34 ? 16  GLY C CA  1 
ATOM   598 C  C   . GLY C 1 16 ? -6.527  8.148   -1.802  1.00 14.41 ? 16  GLY C C   1 
ATOM   599 O  O   . GLY C 1 16 ? -7.187  7.226   -1.308  1.00 12.85 ? 16  GLY C O   1 
ATOM   600 N  N   . SER C 1 17 ? -5.675  7.981   -2.806  1.00 12.79 ? 17  SER C N   1 
ATOM   601 C  CA  . SER C 1 17 ? -5.461  6.689   -3.434  1.00 13.56 ? 17  SER C CA  1 
ATOM   602 C  C   . SER C 1 17 ? -4.824  5.684   -2.619  1.00 13.96 ? 17  SER C C   1 
ATOM   603 O  O   . SER C 1 17 ? -4.108  5.984   -1.659  1.00 13.47 ? 17  SER C O   1 
ATOM   604 C  CB  . SER C 1 17 ? -4.672  6.898   -4.717  1.00 15.05 ? 17  SER C CB  1 
ATOM   605 O  OG  . SER C 1 17 ? -3.917  8.094   -4.631  1.00 19.51 ? 17  SER C OG  1 
ATOM   606 N  N   . GLU C 1 18 ? -5.074  4.431   -2.986  1.00 12.55 ? 18  GLU C N   1 
ATOM   607 C  CA  . GLU C 1 18 ? -4.539  3.244   -2.322  1.00 13.81 ? 18  GLU C CA  1 
ATOM   608 C  C   . GLU C 1 18 ? -3.099  3.250   -2.391  1.00 13.83 ? 18  GLU C C   1 
ATOM   609 O  O   . GLU C 1 18 ? -2.512  3.732   -3.362  1.00 13.06 ? 18  GLU C O   1 
ATOM   610 C  CB  . GLU C 1 18 ? -5.127  2.007   -3.016  1.00 11.07 ? 18  GLU C CB  1 
ATOM   611 C  CG  . GLU C 1 18 ? -4.684  0.645   -2.513  1.00 13.75 ? 18  GLU C CG  1 
ATOM   612 C  CD  . GLU C 1 18 ? -5.295  -0.487  -3.342  1.00 13.95 ? 18  GLU C CD  1 
ATOM   613 O  OE1 . GLU C 1 18 ? -4.827  -1.644  -3.256  1.00 13.99 ? 18  GLU C OE1 1 
ATOM   614 O  OE2 . GLU C 1 18 ? -6.257  -0.215  -4.087  1.00 15.63 ? 18  GLU C OE2 1 
ATOM   615 N  N   . GLY C 1 19 ? -2.453  2.703   -1.367  1.00 14.22 ? 19  GLY C N   1 
ATOM   616 C  CA  . GLY C 1 19 ? -0.998  2.688   -1.337  1.00 14.98 ? 19  GLY C CA  1 
ATOM   617 C  C   . GLY C 1 19 ? -0.286  1.698   -2.245  1.00 14.03 ? 19  GLY C C   1 
ATOM   618 O  O   . GLY C 1 19 ? -0.906  0.838   -2.862  1.00 14.26 ? 19  GLY C O   1 
ATOM   619 N  N   . SER C 1 20 ? 1.035   1.829   -2.316  1.00 14.68 ? 20  SER C N   1 
ATOM   620 C  CA  . SER C 1 20 ? 1.877   0.949   -3.123  1.00 14.61 ? 20  SER C CA  1 
ATOM   621 C  C   . SER C 1 20 ? 1.918   -0.354  -2.536  1.00 12.58 ? 20  SER C C   1 
ATOM   622 O  O   . SER C 1 20 ? 1.626   -0.511  -1.355  1.00 15.21 ? 20  SER C O   1 
ATOM   623 C  CB  . SER C 1 20 ? 3.301   1.507   -3.200  1.00 13.51 ? 20  SER C CB  1 
ATOM   624 O  OG  . SER C 1 20 ? 3.307   2.842   -3.668  1.00 16.00 ? 20  SER C OG  1 
HETATM 625 N  N   . HYP C 1 21 ? 2.277   -1.385  -3.320  1.00 11.24 ? 21  HYP C N   1 
HETATM 626 C  CA  . HYP C 1 21 ? 2.319   -2.715  -2.698  1.00 10.19 ? 21  HYP C CA  1 
HETATM 627 C  C   . HYP C 1 21 ? 3.503   -2.852  -1.876  1.00 10.10 ? 21  HYP C C   1 
HETATM 628 O  O   . HYP C 1 21 ? 4.486   -2.141  -2.073  1.00 10.64 ? 21  HYP C O   1 
HETATM 629 C  CB  . HYP C 1 21 ? 2.397   -3.677  -3.907  1.00 8.16  ? 21  HYP C CB  1 
HETATM 630 C  CG  . HYP C 1 21 ? 1.877   -2.942  -5.040  1.00 10.00 ? 21  HYP C CG  1 
HETATM 631 C  CD  . HYP C 1 21 ? 2.334   -1.520  -4.807  1.00 10.30 ? 21  HYP C CD  1 
HETATM 632 O  OD1 . HYP C 1 21 ? 0.434   -3.056  -4.939  1.00 10.34 ? 21  HYP C OD1 1 
ATOM   633 N  N   . GLY C 1 22 ? 3.473   -3.769  -0.912  1.00 9.39  ? 22  GLY C N   1 
ATOM   634 C  CA  . GLY C 1 22 ? 4.623   -3.962  -0.046  1.00 8.16  ? 22  GLY C CA  1 
ATOM   635 C  C   . GLY C 1 22 ? 5.793   -4.609  -0.764  1.00 8.41  ? 22  GLY C C   1 
ATOM   636 O  O   . GLY C 1 22 ? 5.680   -4.962  -1.936  1.00 9.23  ? 22  GLY C O   1 
ATOM   637 N  N   . HIS C 1 23 ? 6.924   -4.762  -0.077  1.00 6.78  ? 23  HIS C N   1 
ATOM   638 C  CA  . HIS C 1 23 ? 8.099   -5.394  -0.683  1.00 8.18  ? 23  HIS C CA  1 
ATOM   639 C  C   . HIS C 1 23 ? 7.843   -6.778  -0.905  1.00 8.86  ? 23  HIS C C   1 
ATOM   640 O  O   . HIS C 1 23 ? 6.970   -7.372  -0.272  1.00 8.08  ? 23  HIS C O   1 
ATOM   641 C  CB  . HIS C 1 23 ? 9.337   -5.315  0.230   1.00 6.26  ? 23  HIS C CB  1 
ATOM   642 C  CG  . HIS C 1 23 ? 9.743   -3.925  0.602   1.00 5.17  ? 23  HIS C CG  1 
ATOM   643 N  ND1 . HIS C 1 23 ? 9.718   -3.476  1.915   1.00 5.32  ? 23  HIS C ND1 1 
ATOM   644 C  CD2 . HIS C 1 23 ? 10.211  -2.899  -0.132  1.00 3.85  ? 23  HIS C CD2 1 
ATOM   645 C  CE1 . HIS C 1 23 ? 10.156  -2.236  1.955   1.00 4.44  ? 23  HIS C CE1 1 
ATOM   646 N  NE2 . HIS C 1 23 ? 10.464  -1.853  0.723   1.00 6.24  ? 23  HIS C NE2 1 
HETATM 647 N  N   . HYP C 1 24 ? 8.601   -7.398  -1.820  1.00 10.10 ? 24  HYP C N   1 
HETATM 648 C  CA  . HYP C 1 24 ? 8.324   -8.820  -2.014  1.00 9.32  ? 24  HYP C CA  1 
HETATM 649 C  C   . HYP C 1 24 ? 8.731   -9.535  -0.843  1.00 9.78  ? 24  HYP C C   1 
HETATM 650 O  O   . HYP C 1 24 ? 9.482   -9.014  -0.014  1.00 8.07  ? 24  HYP C O   1 
HETATM 651 C  CB  . HYP C 1 24 ? 9.220   -9.189  -3.208  1.00 9.48  ? 24  HYP C CB  1 
HETATM 652 C  CG  . HYP C 1 24 ? 9.436   -7.961  -3.918  1.00 10.74 ? 24  HYP C CG  1 
HETATM 653 C  CD  . HYP C 1 24 ? 9.587   -6.940  -2.832  1.00 11.74 ? 24  HYP C CD  1 
HETATM 654 O  OD1 . HYP C 1 24 ? 8.227   -7.746  -4.670  1.00 16.36 ? 24  HYP C OD1 1 
ATOM   655 N  N   . GLY C 1 25 ? 8.268   -10.773 -0.722  1.00 9.49  ? 25  GLY C N   1 
ATOM   656 C  CA  . GLY C 1 25 ? 8.607   -11.582 0.430   1.00 11.46 ? 25  GLY C CA  1 
ATOM   657 C  C   . GLY C 1 25 ? 10.062  -11.971 0.623   1.00 12.87 ? 25  GLY C C   1 
ATOM   658 O  O   . GLY C 1 25 ? 10.931  -11.706 -0.206  1.00 12.61 ? 25  GLY C O   1 
HETATM 659 N  N   . MSE C 1 26 ? 10.299  -12.628 1.750   1.00 13.84 ? 26  MSE C N   1 
HETATM 660 C  CA  . MSE C 1 26 ? 11.614  -13.098 2.168   1.00 16.28 ? 26  MSE C CA  1 
HETATM 661 C  C   . MSE C 1 26 ? 11.964  -14.269 1.402   1.00 14.25 ? 26  MSE C C   1 
HETATM 662 O  O   . MSE C 1 26 ? 11.084  -15.018 0.984   1.00 13.39 ? 26  MSE C O   1 
HETATM 663 C  CB  . MSE C 1 26 ? 11.517  -13.428 3.661   1.00 21.99 ? 26  MSE C CB  1 
HETATM 664 C  CG  . MSE C 1 26 ? 12.795  -13.628 4.429   1.00 28.45 ? 26  MSE C CG  1 
HETATM 665 SE SE  . MSE C 1 26 ? 12.299  -14.002 6.273   1.00 38.70 ? 26  MSE C SE  1 
HETATM 666 C  CE  . MSE C 1 26 ? 11.574  -12.272 6.719   1.00 30.20 ? 26  MSE C CE  1 
HETATM 667 N  N   . HYP C 1 27 ? 13.266  -14.498 1.145   1.00 12.23 ? 27  HYP C N   1 
HETATM 668 C  CA  . HYP C 1 27 ? 13.512  -15.717 0.369   1.00 10.83 ? 27  HYP C CA  1 
HETATM 669 C  C   . HYP C 1 27 ? 13.209  -16.884 1.182   1.00 13.13 ? 27  HYP C C   1 
HETATM 670 O  O   . HYP C 1 27 ? 13.341  -16.853 2.409   1.00 12.77 ? 27  HYP C O   1 
HETATM 671 C  CB  . HYP C 1 27 ? 15.004  -15.632 0.022   1.00 9.27  ? 27  HYP C CB  1 
HETATM 672 C  CG  . HYP C 1 27 ? 15.342  -14.240 0.095   1.00 10.26 ? 27  HYP C CG  1 
HETATM 673 C  CD  . HYP C 1 27 ? 14.524  -13.715 1.245   1.00 10.04 ? 27  HYP C CD  1 
HETATM 674 O  OD1 . HYP C 1 27 ? 14.911  -13.683 -1.166  1.00 14.34 ? 27  HYP C OD1 1 
ATOM   675 N  N   . GLY C 1 28 ? 12.783  -17.966 0.536   1.00 12.97 ? 28  GLY C N   1 
ATOM   676 C  CA  . GLY C 1 28 ? 12.410  -19.176 1.259   1.00 15.82 ? 28  GLY C CA  1 
ATOM   677 C  C   . GLY C 1 28 ? 13.495  -20.018 1.920   1.00 15.79 ? 28  GLY C C   1 
ATOM   678 O  O   . GLY C 1 28 ? 14.683  -19.706 1.815   1.00 14.68 ? 28  GLY C O   1 
ATOM   679 N  N   . PRO C 1 29 ? 13.101  -21.095 2.629   1.00 16.53 ? 29  PRO C N   1 
ATOM   680 C  CA  . PRO C 1 29 ? 13.977  -22.039 3.343   1.00 18.77 ? 29  PRO C CA  1 
ATOM   681 C  C   . PRO C 1 29 ? 14.755  -22.883 2.495   1.00 21.50 ? 29  PRO C C   1 
ATOM   682 O  O   . PRO C 1 29 ? 14.319  -23.254 1.406   1.00 22.74 ? 29  PRO C O   1 
ATOM   683 C  CB  . PRO C 1 29 ? 12.998  -22.849 4.188   1.00 16.01 ? 29  PRO C CB  1 
ATOM   684 C  CG  . PRO C 1 29 ? 11.877  -21.904 4.407   1.00 17.15 ? 29  PRO C CG  1 
ATOM   685 C  CD  . PRO C 1 29 ? 11.705  -21.296 3.044   1.00 16.64 ? 29  PRO C CD  1 
HETATM 686 N  N   . HYP C 1 30 ? 15.967  -23.257 2.941   1.00 26.11 ? 30  HYP C N   1 
HETATM 687 C  CA  . HYP C 1 30 ? 16.763  -24.129 2.071   1.00 26.76 ? 30  HYP C CA  1 
HETATM 688 C  C   . HYP C 1 30 ? 16.064  -25.359 1.861   1.00 28.84 ? 30  HYP C C   1 
HETATM 689 O  O   . HYP C 1 30 ? 15.351  -25.831 2.749   1.00 29.78 ? 30  HYP C O   1 
HETATM 690 C  CB  . HYP C 1 30 ? 18.040  -24.371 2.882   1.00 27.76 ? 30  HYP C CB  1 
HETATM 691 C  CG  . HYP C 1 30 ? 18.140  -23.263 3.793   1.00 30.10 ? 30  HYP C CG  1 
HETATM 692 C  CD  . HYP C 1 30 ? 16.713  -22.994 4.200   1.00 28.73 ? 30  HYP C CD  1 
HETATM 693 O  OD1 . HYP C 1 30 ? 18.678  -22.179 3.003   1.00 32.19 ? 30  HYP C OD1 1 
ATOM   694 N  N   . GLY C 1 31 ? 16.231  -25.946 0.678   1.00 30.11 ? 31  GLY C N   1 
ATOM   695 C  CA  . GLY C 1 31 ? 15.550  -27.192 0.355   1.00 29.95 ? 31  GLY C CA  1 
ATOM   696 C  C   . GLY C 1 31 ? 15.976  -28.449 1.105   1.00 29.28 ? 31  GLY C C   1 
ATOM   697 O  O   . GLY C 1 31 ? 16.930  -28.429 1.885   1.00 29.56 ? 31  GLY C O   1 
ATOM   698 N  N   . PRO C 1 32 ? 15.261  -29.565 0.891   1.00 27.95 ? 32  PRO C N   1 
ATOM   699 C  CA  . PRO C 1 32 ? 15.508  -30.873 1.511   1.00 28.08 ? 32  PRO C CA  1 
ATOM   700 C  C   . PRO C 1 32 ? 16.794  -31.419 1.181   1.00 27.95 ? 32  PRO C C   1 
ATOM   701 O  O   . PRO C 1 32 ? 17.403  -31.031 0.186   1.00 27.35 ? 32  PRO C O   1 
ATOM   702 C  CB  . PRO C 1 32 ? 14.366  -31.728 0.974   1.00 28.50 ? 32  PRO C CB  1 
ATOM   703 C  CG  . PRO C 1 32 ? 13.264  -30.733 0.781   1.00 30.03 ? 32  PRO C CG  1 
ATOM   704 C  CD  . PRO C 1 32 ? 13.993  -29.580 0.140   1.00 27.93 ? 32  PRO C CD  1 
HETATM 705 N  N   . HYP C 1 33 ? 17.293  -32.370 1.994   1.00 28.71 ? 33  HYP C N   1 
HETATM 706 C  CA  . HYP C 1 33 ? 18.607  -32.943 1.678   1.00 30.05 ? 33  HYP C CA  1 
HETATM 707 C  C   . HYP C 1 33 ? 18.501  -33.893 0.615   1.00 31.39 ? 33  HYP C C   1 
HETATM 708 O  O   . HYP C 1 33 ? 17.516  -34.624 0.520   1.00 31.77 ? 33  HYP C O   1 
HETATM 709 C  CB  . HYP C 1 33 ? 18.997  -33.648 2.981   1.00 28.99 ? 33  HYP C CB  1 
HETATM 710 C  CG  . HYP C 1 33 ? 18.290  -32.937 4.005   1.00 28.54 ? 33  HYP C CG  1 
HETATM 711 C  CD  . HYP C 1 33 ? 16.938  -32.727 3.393   1.00 29.32 ? 33  HYP C CD  1 
HETATM 712 O  OD1 . HYP C 1 33 ? 19.000  -31.688 4.144   1.00 30.14 ? 33  HYP C OD1 1 
ATOM   713 N  N   . GLY C 1 34 ? 19.517  -33.931 -0.243  1.00 33.52 ? 34  GLY C N   1 
ATOM   714 C  CA  . GLY C 1 34 ? 19.509  -34.846 -1.374  1.00 35.98 ? 34  GLY C CA  1 
ATOM   715 C  C   . GLY C 1 34 ? 19.544  -36.323 -1.017  1.00 37.37 ? 34  GLY C C   1 
ATOM   716 O  O   . GLY C 1 34 ? 19.891  -36.702 0.104   1.00 35.14 ? 34  GLY C O   1 
ATOM   717 N  N   . ALA C 1 35 ? 19.178  -37.163 -1.981  1.00 38.91 ? 35  ALA C N   1 
ATOM   718 C  CA  . ALA C 1 35 ? 19.166  -38.608 -1.777  1.00 40.62 ? 35  ALA C CA  1 
ATOM   719 C  C   . ALA C 1 35 ? 20.496  -39.116 -1.739  1.00 40.50 ? 35  ALA C C   1 
ATOM   720 O  O   . ALA C 1 35 ? 21.403  -38.530 -2.332  1.00 39.35 ? 35  ALA C O   1 
ATOM   721 C  CB  . ALA C 1 35 ? 18.371  -39.289 -2.891  1.00 40.80 ? 35  ALA C CB  1 
HETATM 722 N  N   . HYP C 1 36 ? 20.711  -40.246 -1.036  1.00 42.30 ? 36  HYP C N   1 
HETATM 723 C  CA  . HYP C 1 36 ? 22.074  -40.791 -0.984  1.00 43.77 ? 36  HYP C CA  1 
HETATM 724 C  C   . HYP C 1 36 ? 22.519  -41.222 -2.284  1.00 45.05 ? 36  HYP C C   1 
HETATM 725 O  O   . HYP C 1 36 ? 21.717  -41.585 -3.138  1.00 45.66 ? 36  HYP C O   1 
HETATM 726 C  CB  . HYP C 1 36 ? 21.943  -41.987 -0.030  1.00 42.12 ? 36  HYP C CB  1 
HETATM 727 C  CG  . HYP C 1 36 ? 20.812  -41.690 0.799   1.00 42.10 ? 36  HYP C CG  1 
HETATM 728 C  CD  . HYP C 1 36 ? 19.827  -41.063 -0.156  1.00 42.04 ? 36  HYP C CD  1 
HETATM 729 O  OD1 . HYP C 1 36 ? 21.311  -40.736 1.756   1.00 41.64 ? 36  HYP C OD1 1 
ATOM   730 N  N   . GLY C 1 37 ? 23.836  -41.236 -2.473  1.00 46.84 ? 37  GLY C N   1 
ATOM   731 C  CA  . GLY C 1 37 ? 24.436  -41.602 -3.746  1.00 49.00 ? 37  GLY C CA  1 
ATOM   732 C  C   . GLY C 1 37 ? 24.455  -43.087 -4.068  1.00 51.47 ? 37  GLY C C   1 
ATOM   733 O  O   . GLY C 1 37 ? 24.263  -43.937 -3.189  1.00 50.97 ? 37  GLY C O   1 
ATOM   734 N  N   . PRO C 1 38 ? 24.697  -43.427 -5.346  1.00 52.83 ? 38  PRO C N   1 
ATOM   735 C  CA  . PRO C 1 38 ? 24.760  -44.786 -5.887  1.00 53.76 ? 38  PRO C CA  1 
ATOM   736 C  C   . PRO C 1 38 ? 25.957  -45.440 -5.513  1.00 54.32 ? 38  PRO C C   1 
ATOM   737 O  O   . PRO C 1 38 ? 26.425  -45.353 -4.388  1.00 53.47 ? 38  PRO C O   1 
ATOM   738 C  CB  . PRO C 1 38 ? 24.705  -44.560 -7.402  1.00 54.58 ? 38  PRO C CB  1 
ATOM   739 C  CG  . PRO C 1 38 ? 24.070  -43.206 -7.542  1.00 54.71 ? 38  PRO C CG  1 
ATOM   740 C  CD  . PRO C 1 38 ? 24.765  -42.455 -6.446  1.00 53.79 ? 38  PRO C CD  1 
HETATM 741 O  O   . HOH D 2 .  ? -0.448  -4.779  2.615   1.00 19.83 ? 502 HOH A O   1 
HETATM 742 O  O   . HOH D 2 .  ? -2.727  4.184   4.433   1.00 21.73 ? 503 HOH A O   1 
HETATM 743 O  O   . HOH D 2 .  ? -3.417  -6.451  3.870   1.00 37.06 ? 506 HOH A O   1 
HETATM 744 O  O   . HOH D 2 .  ? -14.366 35.203  -4.886  1.00 13.90 ? 511 HOH A O   1 
HETATM 745 O  O   . HOH D 2 .  ? -4.195  -3.634  3.529   1.00 37.26 ? 513 HOH A O   1 
HETATM 746 O  O   . HOH D 2 .  ? -4.114  2.738   8.029   1.00 13.15 ? 516 HOH A O   1 
HETATM 747 O  O   . HOH D 2 .  ? -8.909  20.623  3.129   1.00 32.78 ? 519 HOH A O   1 
HETATM 748 O  O   . HOH D 2 .  ? -1.013  -12.708 2.282   1.00 33.90 ? 520 HOH A O   1 
HETATM 749 O  O   . HOH D 2 .  ? -23.777 41.816  -5.373  1.00 21.40 ? 526 HOH A O   1 
HETATM 750 O  O   . HOH D 2 .  ? -3.400  14.402  5.980   1.00 40.72 ? 528 HOH A O   1 
HETATM 751 O  O   . HOH D 2 .  ? -12.223 11.224  1.494   1.00 18.31 ? 529 HOH A O   1 
HETATM 752 O  O   . HOH D 2 .  ? -15.600 62.904  8.788   1.00 24.70 ? 531 HOH A O   1 
HETATM 753 O  O   . HOH D 2 .  ? -8.382  5.647   5.104   1.00 18.96 ? 532 HOH A O   1 
HETATM 754 O  O   . HOH D 2 .  ? -9.301  3.125   4.416   1.00 30.63 ? 533 HOH A O   1 
HETATM 755 O  O   . HOH D 2 .  ? -8.142  11.275  6.784   1.00 11.06 ? 534 HOH A O   1 
HETATM 756 O  O   . HOH D 2 .  ? 1.085   -11.965 1.480   1.00 2.85  ? 535 HOH A O   1 
HETATM 757 O  O   . HOH D 2 .  ? 33.182  -39.472 4.137   1.00 51.63 ? 537 HOH A O   1 
HETATM 758 O  O   . HOH D 2 .  ? 15.891  -16.150 -6.701  1.00 33.20 ? 539 HOH A O   1 
HETATM 759 O  O   . HOH D 2 .  ? -0.388  -9.449  5.029   1.00 16.61 ? 540 HOH A O   1 
HETATM 760 O  O   . HOH D 2 .  ? 1.053   -7.966  -4.795  1.00 4.71  ? 542 HOH A O   1 
HETATM 761 O  O   . HOH D 2 .  ? -1.569  -2.041  -3.357  1.00 15.76 ? 543 HOH A O   1 
HETATM 762 O  O   . HOH D 2 .  ? -27.361 44.374  -2.954  1.00 49.90 ? 544 HOH A O   1 
HETATM 763 O  O   . HOH D 2 .  ? -0.642  -14.366 4.064   1.00 31.73 ? 546 HOH A O   1 
HETATM 764 O  O   . HOH D 2 .  ? 15.770  -18.611 -5.633  1.00 30.84 ? 548 HOH A O   1 
HETATM 765 O  O   . HOH D 2 .  ? 2.801   -12.519 -0.491  1.00 21.25 ? 549 HOH A O   1 
HETATM 766 O  O   . HOH D 2 .  ? 4.468   -7.279  -5.627  1.00 41.89 ? 550 HOH A O   1 
HETATM 767 O  O   . HOH D 2 .  ? -13.595 34.484  -7.296  1.00 35.92 ? 551 HOH A O   1 
HETATM 768 O  O   . HOH D 2 .  ? -6.608  3.332   6.159   1.00 18.13 ? 552 HOH A O   1 
HETATM 769 O  O   . HOH D 2 .  ? -0.564  -11.871 -0.652  1.00 22.06 ? 554 HOH A O   1 
HETATM 770 O  O   . HOH D 2 .  ? -4.989  -1.977  -0.383  1.00 24.33 ? 555 HOH A O   1 
HETATM 771 O  O   . HOH D 2 .  ? -4.065  5.473   9.030   1.00 32.84 ? 556 HOH A O   1 
HETATM 772 O  O   . HOH D 2 .  ? 8.913   -20.089 -11.418 1.00 31.17 ? 557 HOH A O   1 
HETATM 773 O  O   . HOH D 2 .  ? -11.112 35.743  -9.072  1.00 40.25 ? 559 HOH A O   1 
HETATM 774 O  O   . HOH D 2 .  ? -10.514 11.243  7.848   1.00 35.83 ? 560 HOH A O   1 
HETATM 775 O  O   . HOH E 2 .  ? 5.439   -18.456 -0.325  1.00 6.91  ? 501 HOH B O   1 
HETATM 776 O  O   . HOH E 2 .  ? -10.753 16.973  -3.936  1.00 25.02 ? 508 HOH B O   1 
HETATM 777 O  O   . HOH E 2 .  ? -16.711 23.180  -2.705  1.00 14.79 ? 509 HOH B O   1 
HETATM 778 O  O   . HOH E 2 .  ? 2.028   -10.472 3.832   1.00 16.47 ? 512 HOH B O   1 
HETATM 779 O  O   . HOH E 2 .  ? 3.202   7.027   1.571   1.00 11.26 ? 514 HOH B O   1 
HETATM 780 O  O   . HOH E 2 .  ? -4.057  10.595  -2.707  1.00 22.65 ? 517 HOH B O   1 
HETATM 781 O  O   . HOH E 2 .  ? -1.304  12.124  6.115   1.00 34.59 ? 522 HOH B O   1 
HETATM 782 O  O   . HOH E 2 .  ? 2.319   4.040   -0.711  1.00 10.62 ? 524 HOH B O   1 
HETATM 783 O  O   . HOH E 2 .  ? -31.107 33.988  2.073   1.00 32.88 ? 527 HOH B O   1 
HETATM 784 O  O   . HOH E 2 .  ? -10.813 31.247  -4.234  1.00 23.26 ? 530 HOH B O   1 
HETATM 785 O  O   . HOH E 2 .  ? 0.294   9.723   -6.744  1.00 21.65 ? 558 HOH B O   1 
HETATM 786 O  O   . HOH F 2 .  ? 8.679   -12.250 3.943   1.00 19.61 ? 500 HOH C O   1 
HETATM 787 O  O   . HOH F 2 .  ? -4.032  10.775  -6.087  1.00 14.12 ? 504 HOH C O   1 
HETATM 788 O  O   . HOH F 2 .  ? -7.684  4.659   -0.468  1.00 31.44 ? 505 HOH C O   1 
HETATM 789 O  O   . HOH F 2 .  ? 6.608   -3.552  2.422   1.00 10.76 ? 507 HOH C O   1 
HETATM 790 O  O   . HOH F 2 .  ? -25.695 29.683  2.474   1.00 14.70 ? 510 HOH C O   1 
HETATM 791 O  O   . HOH F 2 .  ? -0.318  4.426   -4.544  1.00 30.49 ? 515 HOH C O   1 
HETATM 792 O  O   . HOH F 2 .  ? -14.049 7.203   2.540   1.00 13.06 ? 518 HOH C O   1 
HETATM 793 O  O   . HOH F 2 .  ? -14.570 9.569   -6.194  1.00 27.24 ? 521 HOH C O   1 
HETATM 794 O  O   . HOH F 2 .  ? -3.669  -5.023  -5.462  1.00 14.19 ? 523 HOH C O   1 
HETATM 795 O  O   . HOH F 2 .  ? 10.668  -8.466  2.666   1.00 9.39  ? 525 HOH C O   1 
HETATM 796 O  O   . HOH F 2 .  ? 9.999   -9.931  4.747   1.00 9.09  ? 536 HOH C O   1 
HETATM 797 O  O   . HOH F 2 .  ? 15.068  -16.592 5.216   1.00 21.01 ? 538 HOH C O   1 
HETATM 798 O  O   . HOH F 2 .  ? -0.349  -5.501  -5.572  1.00 16.95 ? 541 HOH C O   1 
HETATM 799 O  O   . HOH F 2 .  ? -19.673 19.696  6.074   1.00 24.49 ? 545 HOH C O   1 
HETATM 800 O  O   . HOH F 2 .  ? -11.406 6.183   6.251   1.00 44.18 ? 547 HOH C O   1 
HETATM 801 O  O   . HOH F 2 .  ? 16.628  -15.280 -3.342  1.00 37.36 ? 553 HOH C O   1 
# 
loop_
_pdbx_poly_seq_scheme.asym_id 
_pdbx_poly_seq_scheme.entity_id 
_pdbx_poly_seq_scheme.seq_id 
_pdbx_poly_seq_scheme.mon_id 
_pdbx_poly_seq_scheme.ndb_seq_num 
_pdbx_poly_seq_scheme.pdb_seq_num 
_pdbx_poly_seq_scheme.auth_seq_num 
_pdbx_poly_seq_scheme.pdb_mon_id 
_pdbx_poly_seq_scheme.auth_mon_id 
_pdbx_poly_seq_scheme.pdb_strand_id 
_pdbx_poly_seq_scheme.pdb_ins_code 
_pdbx_poly_seq_scheme.hetero 
A 1 1  GLY 1  1  ?  ?   ?   A . n 
A 1 2  PRO 2  2  ?  ?   ?   A . n 
A 1 3  ILE 3  3  3  ILE ILE A . n 
A 1 4  GLY 4  4  4  GLY GLY A . n 
A 1 5  PRO 5  5  5  PRO PRO A . n 
A 1 6  HYP 6  6  6  HYP HYP A . n 
A 1 7  GLY 7  7  7  GLY GLY A . n 
A 1 8  PRO 8  8  8  PRO PRO A . n 
A 1 9  ARG 9  9  9  ARG ARG A . n 
A 1 10 GLY 10 10 10 GLY GLY A . n 
A 1 11 ASN 11 11 11 ASN ASN A . n 
A 1 12 ARG 12 12 12 ARG ARG A . n 
A 1 13 GLY 13 13 13 GLY GLY A . n 
A 1 14 GLU 14 14 14 GLU GLU A . n 
A 1 15 ARG 15 15 15 ARG ARG A . n 
A 1 16 GLY 16 16 16 GLY GLY A . n 
A 1 17 SER 17 17 17 SER SER A . n 
A 1 18 GLU 18 18 18 GLU GLU A . n 
A 1 19 GLY 19 19 19 GLY GLY A . n 
A 1 20 SER 20 20 20 SER SER A . n 
A 1 21 HYP 21 21 21 HYP HYP A . n 
A 1 22 GLY 22 22 22 GLY GLY A . n 
A 1 23 HIS 23 23 23 HIS HIS A . n 
A 1 24 HYP 24 24 24 HYP HYP A . n 
A 1 25 GLY 25 25 25 GLY GLY A . n 
A 1 26 MSE 26 26 26 MSE MSE A . n 
A 1 27 HYP 27 27 27 HYP HYP A . n 
A 1 28 GLY 28 28 28 GLY GLY A . n 
A 1 29 PRO 29 29 29 PRO PRO A . n 
A 1 30 HYP 30 30 30 HYP HYP A . n 
A 1 31 GLY 31 31 31 GLY GLY A . n 
A 1 32 PRO 32 32 32 PRO PRO A . n 
A 1 33 HYP 33 33 33 HYP HYP A . n 
A 1 34 GLY 34 34 34 GLY GLY A . n 
A 1 35 ALA 35 35 35 ALA ALA A . n 
A 1 36 HYP 36 36 36 HYP HYP A . n 
A 1 37 GLY 37 37 37 GLY GLY A . n 
A 1 38 PRO 38 38 38 PRO PRO A . n 
A 1 39 CYS 39 39 39 CYS CYS A . n 
A 1 40 CYS 40 40 ?  ?   ?   A . n 
A 1 41 GLY 41 41 ?  ?   ?   A . n 
A 1 42 GLY 42 42 ?  ?   ?   A . n 
B 1 1  GLY 1  1  ?  ?   ?   B . n 
B 1 2  PRO 2  2  ?  ?   ?   B . n 
B 1 3  ILE 3  3  ?  ?   ?   B . n 
B 1 4  GLY 4  4  4  GLY GLY B . n 
B 1 5  PRO 5  5  5  PRO PRO B . n 
B 1 6  HYP 6  6  6  HYP HYP B . n 
B 1 7  GLY 7  7  7  GLY GLY B . n 
B 1 8  PRO 8  8  8  PRO PRO B . n 
B 1 9  ARG 9  9  9  ARG ARG B . n 
B 1 10 GLY 10 10 10 GLY GLY B . n 
B 1 11 ASN 11 11 11 ASN ASN B . n 
B 1 12 ARG 12 12 12 ARG ARG B . n 
B 1 13 GLY 13 13 13 GLY GLY B . n 
B 1 14 GLU 14 14 14 GLU GLU B . n 
B 1 15 ARG 15 15 15 ARG ARG B . n 
B 1 16 GLY 16 16 16 GLY GLY B . n 
B 1 17 SER 17 17 17 SER SER B . n 
B 1 18 GLU 18 18 18 GLU GLU B . n 
B 1 19 GLY 19 19 19 GLY GLY B . n 
B 1 20 SER 20 20 20 SER SER B . n 
B 1 21 HYP 21 21 21 HYP HYP B . n 
B 1 22 GLY 22 22 22 GLY GLY B . n 
B 1 23 HIS 23 23 23 HIS HIS B . n 
B 1 24 HYP 24 24 24 HYP HYP B . n 
B 1 25 GLY 25 25 25 GLY GLY B . n 
B 1 26 MSE 26 26 26 MSE MSE B . n 
B 1 27 HYP 27 27 27 HYP HYP B . n 
B 1 28 GLY 28 28 28 GLY GLY B . n 
B 1 29 PRO 29 29 29 PRO PRO B . n 
B 1 30 HYP 30 30 30 HYP HYP B . n 
B 1 31 GLY 31 31 31 GLY GLY B . n 
B 1 32 PRO 32 32 32 PRO PRO B . n 
B 1 33 HYP 33 33 33 HYP HYP B . n 
B 1 34 GLY 34 34 34 GLY GLY B . n 
B 1 35 ALA 35 35 35 ALA ALA B . n 
B 1 36 HYP 36 36 36 HYP HYP B . n 
B 1 37 GLY 37 37 37 GLY GLY B . n 
B 1 38 PRO 38 38 38 PRO PRO B . n 
B 1 39 CYS 39 39 39 CYS CYS B . n 
B 1 40 CYS 40 40 40 CYS CYS B . n 
B 1 41 GLY 41 41 ?  ?   ?   B . n 
B 1 42 GLY 42 42 ?  ?   ?   B . n 
C 1 1  GLY 1  1  ?  ?   ?   C . n 
C 1 2  PRO 2  2  2  PRO PRO C . n 
C 1 3  ILE 3  3  3  ILE ILE C . n 
C 1 4  GLY 4  4  4  GLY GLY C . n 
C 1 5  PRO 5  5  5  PRO PRO C . n 
C 1 6  HYP 6  6  6  HYP HYP C . n 
C 1 7  GLY 7  7  7  GLY GLY C . n 
C 1 8  PRO 8  8  8  PRO PRO C . n 
C 1 9  ARG 9  9  9  ARG ARG C . n 
C 1 10 GLY 10 10 10 GLY GLY C . n 
C 1 11 ASN 11 11 11 ASN ASN C . n 
C 1 12 ARG 12 12 12 ARG ARG C . n 
C 1 13 GLY 13 13 13 GLY GLY C . n 
C 1 14 GLU 14 14 14 GLU GLU C . n 
C 1 15 ARG 15 15 15 ARG ARG C . n 
C 1 16 GLY 16 16 16 GLY GLY C . n 
C 1 17 SER 17 17 17 SER SER C . n 
C 1 18 GLU 18 18 18 GLU GLU C . n 
C 1 19 GLY 19 19 19 GLY GLY C . n 
C 1 20 SER 20 20 20 SER SER C . n 
C 1 21 HYP 21 21 21 HYP HYP C . n 
C 1 22 GLY 22 22 22 GLY GLY C . n 
C 1 23 HIS 23 23 23 HIS HIS C . n 
C 1 24 HYP 24 24 24 HYP HYP C . n 
C 1 25 GLY 25 25 25 GLY GLY C . n 
C 1 26 MSE 26 26 26 MSE MSE C . n 
C 1 27 HYP 27 27 27 HYP HYP C . n 
C 1 28 GLY 28 28 28 GLY GLY C . n 
C 1 29 PRO 29 29 29 PRO PRO C . n 
C 1 30 HYP 30 30 30 HYP HYP C . n 
C 1 31 GLY 31 31 31 GLY GLY C . n 
C 1 32 PRO 32 32 32 PRO PRO C . n 
C 1 33 HYP 33 33 33 HYP HYP C . n 
C 1 34 GLY 34 34 34 GLY GLY C . n 
C 1 35 ALA 35 35 35 ALA ALA C . n 
C 1 36 HYP 36 36 36 HYP HYP C . n 
C 1 37 GLY 37 37 37 GLY GLY C . n 
C 1 38 PRO 38 38 38 PRO PRO C . n 
C 1 39 CYS 39 39 ?  ?   ?   C . n 
C 1 40 CYS 40 40 ?  ?   ?   C . n 
C 1 41 GLY 41 41 ?  ?   ?   C . n 
C 1 42 GLY 42 42 ?  ?   ?   C . n 
# 
loop_
_pdbx_nonpoly_scheme.asym_id 
_pdbx_nonpoly_scheme.entity_id 
_pdbx_nonpoly_scheme.mon_id 
_pdbx_nonpoly_scheme.ndb_seq_num 
_pdbx_nonpoly_scheme.pdb_seq_num 
_pdbx_nonpoly_scheme.auth_seq_num 
_pdbx_nonpoly_scheme.pdb_mon_id 
_pdbx_nonpoly_scheme.auth_mon_id 
_pdbx_nonpoly_scheme.pdb_strand_id 
_pdbx_nonpoly_scheme.pdb_ins_code 
D 2 HOH 1  502 502 HOH WAT A . 
D 2 HOH 2  503 503 HOH WAT A . 
D 2 HOH 3  506 506 HOH WAT A . 
D 2 HOH 4  511 511 HOH WAT A . 
D 2 HOH 5  513 513 HOH WAT A . 
D 2 HOH 6  516 516 HOH WAT A . 
D 2 HOH 7  519 519 HOH WAT A . 
D 2 HOH 8  520 520 HOH WAT A . 
D 2 HOH 9  526 526 HOH WAT A . 
D 2 HOH 10 528 528 HOH WAT A . 
D 2 HOH 11 529 529 HOH WAT A . 
D 2 HOH 12 531 531 HOH WAT A . 
D 2 HOH 13 532 532 HOH WAT A . 
D 2 HOH 14 533 533 HOH WAT A . 
D 2 HOH 15 534 534 HOH WAT A . 
D 2 HOH 16 535 535 HOH WAT A . 
D 2 HOH 17 537 537 HOH WAT A . 
D 2 HOH 18 539 539 HOH WAT A . 
D 2 HOH 19 540 540 HOH WAT A . 
D 2 HOH 20 542 542 HOH WAT A . 
D 2 HOH 21 543 543 HOH WAT A . 
D 2 HOH 22 544 544 HOH WAT A . 
D 2 HOH 23 546 546 HOH WAT A . 
D 2 HOH 24 548 548 HOH WAT A . 
D 2 HOH 25 549 549 HOH WAT A . 
D 2 HOH 26 550 550 HOH WAT A . 
D 2 HOH 27 551 551 HOH WAT A . 
D 2 HOH 28 552 552 HOH WAT A . 
D 2 HOH 29 554 554 HOH WAT A . 
D 2 HOH 30 555 555 HOH WAT A . 
D 2 HOH 31 556 556 HOH WAT A . 
D 2 HOH 32 557 557 HOH WAT A . 
D 2 HOH 33 559 559 HOH WAT A . 
D 2 HOH 34 560 560 HOH WAT A . 
E 2 HOH 1  501 501 HOH WAT B . 
E 2 HOH 2  508 508 HOH WAT B . 
E 2 HOH 3  509 509 HOH WAT B . 
E 2 HOH 4  512 512 HOH WAT B . 
E 2 HOH 5  514 514 HOH WAT B . 
E 2 HOH 6  517 517 HOH WAT B . 
E 2 HOH 7  522 522 HOH WAT B . 
E 2 HOH 8  524 524 HOH WAT B . 
E 2 HOH 9  527 527 HOH WAT B . 
E 2 HOH 10 530 530 HOH WAT B . 
E 2 HOH 11 558 558 HOH WAT B . 
F 2 HOH 1  500 500 HOH WAT C . 
F 2 HOH 2  504 504 HOH WAT C . 
F 2 HOH 3  505 505 HOH WAT C . 
F 2 HOH 4  507 507 HOH WAT C . 
F 2 HOH 5  510 510 HOH WAT C . 
F 2 HOH 6  515 515 HOH WAT C . 
F 2 HOH 7  518 518 HOH WAT C . 
F 2 HOH 8  521 521 HOH WAT C . 
F 2 HOH 9  523 523 HOH WAT C . 
F 2 HOH 10 525 525 HOH WAT C . 
F 2 HOH 11 536 536 HOH WAT C . 
F 2 HOH 12 538 538 HOH WAT C . 
F 2 HOH 13 541 541 HOH WAT C . 
F 2 HOH 14 545 545 HOH WAT C . 
F 2 HOH 15 547 547 HOH WAT C . 
F 2 HOH 16 553 553 HOH WAT C . 
# 
loop_
_pdbx_struct_mod_residue.id 
_pdbx_struct_mod_residue.label_asym_id 
_pdbx_struct_mod_residue.label_comp_id 
_pdbx_struct_mod_residue.label_seq_id 
_pdbx_struct_mod_residue.auth_asym_id 
_pdbx_struct_mod_residue.auth_comp_id 
_pdbx_struct_mod_residue.auth_seq_id 
_pdbx_struct_mod_residue.PDB_ins_code 
_pdbx_struct_mod_residue.parent_comp_id 
_pdbx_struct_mod_residue.details 
1  A HYP 6  A HYP 6  ? PRO 4-HYDROXYPROLINE 
2  A HYP 21 A HYP 21 ? PRO 4-HYDROXYPROLINE 
3  A HYP 24 A HYP 24 ? PRO 4-HYDROXYPROLINE 
4  A MSE 26 A MSE 26 ? MET SELENOMETHIONINE 
5  A HYP 27 A HYP 27 ? PRO 4-HYDROXYPROLINE 
6  A HYP 30 A HYP 30 ? PRO 4-HYDROXYPROLINE 
7  A HYP 33 A HYP 33 ? PRO 4-HYDROXYPROLINE 
8  A HYP 36 A HYP 36 ? PRO 4-HYDROXYPROLINE 
9  B HYP 6  B HYP 6  ? PRO 4-HYDROXYPROLINE 
10 B HYP 21 B HYP 21 ? PRO 4-HYDROXYPROLINE 
11 B HYP 24 B HYP 24 ? PRO 4-HYDROXYPROLINE 
12 B MSE 26 B MSE 26 ? MET SELENOMETHIONINE 
13 B HYP 27 B HYP 27 ? PRO 4-HYDROXYPROLINE 
14 B HYP 30 B HYP 30 ? PRO 4-HYDROXYPROLINE 
15 B HYP 33 B HYP 33 ? PRO 4-HYDROXYPROLINE 
16 B HYP 36 B HYP 36 ? PRO 4-HYDROXYPROLINE 
17 C HYP 6  C HYP 6  ? PRO 4-HYDROXYPROLINE 
18 C HYP 21 C HYP 21 ? PRO 4-HYDROXYPROLINE 
19 C HYP 24 C HYP 24 ? PRO 4-HYDROXYPROLINE 
20 C MSE 26 C MSE 26 ? MET SELENOMETHIONINE 
21 C HYP 27 C HYP 27 ? PRO 4-HYDROXYPROLINE 
22 C HYP 30 C HYP 30 ? PRO 4-HYDROXYPROLINE 
23 C HYP 33 C HYP 33 ? PRO 4-HYDROXYPROLINE 
24 C HYP 36 C HYP 36 ? PRO 4-HYDROXYPROLINE 
# 
_pdbx_struct_assembly.id                   1 
_pdbx_struct_assembly.details              author_and_software_defined_assembly 
_pdbx_struct_assembly.method_details       PISA 
_pdbx_struct_assembly.oligomeric_details   trimeric 
_pdbx_struct_assembly.oligomeric_count     3 
# 
_pdbx_struct_assembly_gen.assembly_id       1 
_pdbx_struct_assembly_gen.oper_expression   1 
_pdbx_struct_assembly_gen.asym_id_list      A,B,C,D,E,F 
# 
loop_
_pdbx_struct_assembly_prop.biol_id 
_pdbx_struct_assembly_prop.type 
_pdbx_struct_assembly_prop.value 
_pdbx_struct_assembly_prop.details 
1 'ABSA (A^2)' 6600  ? 
1 MORE         -23.1 ? 
1 'SSA (A^2)'  7070  ? 
# 
_pdbx_struct_oper_list.id                   1 
_pdbx_struct_oper_list.type                 'identity operation' 
_pdbx_struct_oper_list.name                 1_555 
_pdbx_struct_oper_list.symmetry_operation   x,y,z 
_pdbx_struct_oper_list.matrix[1][1]         1.0000000000 
_pdbx_struct_oper_list.matrix[1][2]         0.0000000000 
_pdbx_struct_oper_list.matrix[1][3]         0.0000000000 
_pdbx_struct_oper_list.vector[1]            0.0000000000 
_pdbx_struct_oper_list.matrix[2][1]         0.0000000000 
_pdbx_struct_oper_list.matrix[2][2]         1.0000000000 
_pdbx_struct_oper_list.matrix[2][3]         0.0000000000 
_pdbx_struct_oper_list.vector[2]            0.0000000000 
_pdbx_struct_oper_list.matrix[3][1]         0.0000000000 
_pdbx_struct_oper_list.matrix[3][2]         0.0000000000 
_pdbx_struct_oper_list.matrix[3][3]         1.0000000000 
_pdbx_struct_oper_list.vector[3]            0.0000000000 
# 
loop_
_pdbx_audit_revision_history.ordinal 
_pdbx_audit_revision_history.data_content_type 
_pdbx_audit_revision_history.major_revision 
_pdbx_audit_revision_history.minor_revision 
_pdbx_audit_revision_history.revision_date 
1 'Structure model' 1 0 2008-09-30 
2 'Structure model' 1 1 2011-07-13 
3 'Structure model' 1 2 2021-10-20 
# 
_pdbx_audit_revision_details.ordinal             1 
_pdbx_audit_revision_details.revision_ordinal    1 
_pdbx_audit_revision_details.data_content_type   'Structure model' 
_pdbx_audit_revision_details.provider            repository 
_pdbx_audit_revision_details.type                'Initial release' 
_pdbx_audit_revision_details.description         ? 
_pdbx_audit_revision_details.details             ? 
# 
loop_
_pdbx_audit_revision_group.ordinal 
_pdbx_audit_revision_group.revision_ordinal 
_pdbx_audit_revision_group.data_content_type 
_pdbx_audit_revision_group.group 
1 2 'Structure model' 'Version format compliance' 
2 3 'Structure model' 'Database references'       
3 3 'Structure model' 'Derived calculations'      
# 
loop_
_pdbx_audit_revision_category.ordinal 
_pdbx_audit_revision_category.revision_ordinal 
_pdbx_audit_revision_category.data_content_type 
_pdbx_audit_revision_category.category 
1 3 'Structure model' database_2         
2 3 'Structure model' struct_conn        
3 3 'Structure model' struct_ref_seq_dif 
# 
loop_
_pdbx_audit_revision_item.ordinal 
_pdbx_audit_revision_item.revision_ordinal 
_pdbx_audit_revision_item.data_content_type 
_pdbx_audit_revision_item.item 
1 3 'Structure model' '_database_2.pdbx_DOI'                
2 3 'Structure model' '_database_2.pdbx_database_accession' 
3 3 'Structure model' '_struct_conn.pdbx_leaving_atom_flag' 
4 3 'Structure model' '_struct_ref_seq_dif.details'         
# 
loop_
_software.name 
_software.classification 
_software.version 
_software.citation_id 
_software.pdbx_ordinal 
CNS    refinement        1.1     ? 1 
ADSC   'data collection' Quantum ? 2 
MOSFLM 'data reduction'  .       ? 3 
SCALA  'data scaling'    .       ? 4 
SOLVE  phasing           .       ? 5 
# 
_pdbx_validate_rmsd_angle.id                         1 
_pdbx_validate_rmsd_angle.PDB_model_num              1 
_pdbx_validate_rmsd_angle.auth_atom_id_1             N 
_pdbx_validate_rmsd_angle.auth_asym_id_1             A 
_pdbx_validate_rmsd_angle.auth_comp_id_1             GLY 
_pdbx_validate_rmsd_angle.auth_seq_id_1              4 
_pdbx_validate_rmsd_angle.PDB_ins_code_1             ? 
_pdbx_validate_rmsd_angle.label_alt_id_1             ? 
_pdbx_validate_rmsd_angle.auth_atom_id_2             CA 
_pdbx_validate_rmsd_angle.auth_asym_id_2             A 
_pdbx_validate_rmsd_angle.auth_comp_id_2             GLY 
_pdbx_validate_rmsd_angle.auth_seq_id_2              4 
_pdbx_validate_rmsd_angle.PDB_ins_code_2             ? 
_pdbx_validate_rmsd_angle.label_alt_id_2             ? 
_pdbx_validate_rmsd_angle.auth_atom_id_3             C 
_pdbx_validate_rmsd_angle.auth_asym_id_3             A 
_pdbx_validate_rmsd_angle.auth_comp_id_3             GLY 
_pdbx_validate_rmsd_angle.auth_seq_id_3              4 
_pdbx_validate_rmsd_angle.PDB_ins_code_3             ? 
_pdbx_validate_rmsd_angle.label_alt_id_3             ? 
_pdbx_validate_rmsd_angle.angle_value                94.52 
_pdbx_validate_rmsd_angle.angle_target_value         113.10 
_pdbx_validate_rmsd_angle.angle_deviation            -18.58 
_pdbx_validate_rmsd_angle.angle_standard_deviation   2.50 
_pdbx_validate_rmsd_angle.linker_flag                N 
# 
loop_
_pdbx_unobs_or_zero_occ_residues.id 
_pdbx_unobs_or_zero_occ_residues.PDB_model_num 
_pdbx_unobs_or_zero_occ_residues.polymer_flag 
_pdbx_unobs_or_zero_occ_residues.occupancy_flag 
_pdbx_unobs_or_zero_occ_residues.auth_asym_id 
_pdbx_unobs_or_zero_occ_residues.auth_comp_id 
_pdbx_unobs_or_zero_occ_residues.auth_seq_id 
_pdbx_unobs_or_zero_occ_residues.PDB_ins_code 
_pdbx_unobs_or_zero_occ_residues.label_asym_id 
_pdbx_unobs_or_zero_occ_residues.label_comp_id 
_pdbx_unobs_or_zero_occ_residues.label_seq_id 
1  1 Y 1 A GLY 1  ? A GLY 1  
2  1 Y 1 A PRO 2  ? A PRO 2  
3  1 Y 1 A CYS 40 ? A CYS 40 
4  1 Y 1 A GLY 41 ? A GLY 41 
5  1 Y 1 A GLY 42 ? A GLY 42 
6  1 Y 1 B GLY 1  ? B GLY 1  
7  1 Y 1 B PRO 2  ? B PRO 2  
8  1 Y 1 B ILE 3  ? B ILE 3  
9  1 Y 1 B GLY 41 ? B GLY 41 
10 1 Y 1 B GLY 42 ? B GLY 42 
11 1 Y 1 C GLY 1  ? C GLY 1  
12 1 Y 1 C CYS 39 ? C CYS 39 
13 1 Y 1 C CYS 40 ? C CYS 40 
14 1 Y 1 C GLY 41 ? C GLY 41 
15 1 Y 1 C GLY 42 ? C GLY 42 
# 
_pdbx_entity_nonpoly.entity_id   2 
_pdbx_entity_nonpoly.name        water 
_pdbx_entity_nonpoly.comp_id     HOH 
# 
